data_2POK
#
_entry.id   2POK
#
_cell.length_a   87.954
_cell.length_b   101.922
_cell.length_c   118.074
_cell.angle_alpha   90.00
_cell.angle_beta   90.00
_cell.angle_gamma   90.00
#
_symmetry.space_group_name_H-M   'P 21 21 21'
#
loop_
_entity.id
_entity.type
_entity.pdbx_description
1 polymer 'Peptidase, M20/M25/M40 family'
2 non-polymer beta-D-glucopyranose
3 non-polymer 'MANGANESE (II) ION'
4 water water
#
_entity_poly.entity_id   1
_entity_poly.type   'polypeptide(L)'
_entity_poly.pdbx_seq_one_letter_code
;MHHHHHHSSGVDLGTENLYFQSNAMVFPSEQEQIEKFEKDHVAQHYFEVLRTLISKKSVFAQQVGLKEVANYLGEIFKRV
GAEVEIDESYTAPFVMAHFKSSRPDAKTLIFYNHYDTVPADGDQVWTEDPFTLSVRNGFMYGRGVDDDKGHITARLSALR
KYMQHHDDLPVNISFIMEGAEESASTDLDKYLEKHADKLRGADLLVWEQGTKNALEQLEISGGNKGIVTFDAKVKSADVD
IHSSYGGVVESAPWYLLQALQSLRAADGRILVEGLYEEVQEPNEREMALLETYGQRNPEEVSRIYGLELPLLQEERMAFL
KRFFFDPALNIEGIQSGYQGQGVKTILPAEASAKLEVRLVPGLEPHDVLEKIRKQLDKNGFDKVELYYTLGEMSYRSDMS
APAILNVIELAKKFYPQGVSVLPTTAGTGPMHTVFDALEVPMVAFGLGNANSRDHGGDENVRIADYYTHIELVEELIRSY
E
;
_entity_poly.pdbx_strand_id   A,B
#
loop_
_chem_comp.id
_chem_comp.type
_chem_comp.name
_chem_comp.formula
BGC D-saccharide, beta linking beta-D-glucopyranose 'C6 H12 O6'
MN non-polymer 'MANGANESE (II) ION' 'Mn 2'
#
# COMPACT_ATOMS: atom_id res chain seq x y z
N ALA A 24 -53.13 -14.57 -17.37
CA ALA A 24 -53.13 -15.91 -18.01
C ALA A 24 -52.18 -15.92 -19.21
N MET A 25 -50.88 -15.89 -18.94
CA MET A 25 -49.88 -15.93 -20.01
C MET A 25 -49.19 -17.29 -20.10
N VAL A 26 -49.07 -17.79 -21.32
CA VAL A 26 -48.40 -19.06 -21.59
C VAL A 26 -47.12 -18.80 -22.39
N PHE A 27 -46.05 -19.55 -22.11
CA PHE A 27 -44.78 -19.33 -22.75
C PHE A 27 -44.24 -20.61 -23.39
N PRO A 28 -43.57 -20.48 -24.54
CA PRO A 28 -42.96 -21.68 -25.17
C PRO A 28 -41.83 -22.26 -24.32
N SER A 29 -41.57 -23.57 -24.45
CA SER A 29 -40.55 -24.16 -23.65
C SER A 29 -39.21 -23.90 -24.31
N GLU A 30 -38.13 -24.18 -23.60
CA GLU A 30 -36.82 -24.00 -24.17
C GLU A 30 -36.68 -24.90 -25.39
N GLN A 31 -37.21 -26.12 -25.28
CA GLN A 31 -37.17 -27.09 -26.42
C GLN A 31 -37.91 -26.54 -27.66
N GLU A 32 -39.04 -25.86 -27.43
CA GLU A 32 -39.84 -25.24 -28.50
C GLU A 32 -39.13 -24.07 -29.15
N GLN A 33 -38.48 -23.24 -28.33
CA GLN A 33 -37.70 -22.10 -28.83
C GLN A 33 -36.56 -22.57 -29.71
N ILE A 34 -35.86 -23.60 -29.28
CA ILE A 34 -34.75 -24.14 -30.09
C ILE A 34 -35.25 -24.70 -31.44
N GLU A 35 -36.40 -25.36 -31.42
CA GLU A 35 -36.96 -25.87 -32.68
C GLU A 35 -37.43 -24.70 -33.56
N LYS A 36 -38.07 -23.69 -32.98
CA LYS A 36 -38.42 -22.52 -33.78
C LYS A 36 -37.17 -21.95 -34.42
N PHE A 37 -36.11 -21.79 -33.63
CA PHE A 37 -34.87 -21.26 -34.15
C PHE A 37 -34.39 -22.10 -35.33
N GLU A 38 -34.39 -23.42 -35.15
CA GLU A 38 -33.87 -24.29 -36.22
C GLU A 38 -34.70 -24.18 -37.49
N LYS A 39 -36.01 -23.96 -37.36
CA LYS A 39 -36.88 -23.89 -38.52
C LYS A 39 -36.99 -22.50 -39.18
N ASP A 40 -36.39 -21.49 -38.57
CA ASP A 40 -36.58 -20.12 -39.02
C ASP A 40 -35.48 -19.75 -40.02
N HIS A 41 -35.83 -19.65 -41.31
CA HIS A 41 -34.84 -19.43 -42.39
C HIS A 41 -34.11 -18.10 -42.26
N VAL A 42 -34.82 -17.06 -41.85
CA VAL A 42 -34.20 -15.75 -41.63
C VAL A 42 -33.23 -15.78 -40.44
N ALA A 43 -33.66 -16.33 -39.30
CA ALA A 43 -32.75 -16.45 -38.15
C ALA A 43 -31.51 -17.28 -38.52
N GLN A 44 -31.72 -18.33 -39.30
CA GLN A 44 -30.61 -19.19 -39.72
C GLN A 44 -29.65 -18.45 -40.65
N HIS A 45 -30.19 -17.65 -41.57
CA HIS A 45 -29.35 -16.84 -42.46
C HIS A 45 -28.43 -15.95 -41.65
N TYR A 46 -29.00 -15.23 -40.69
CA TYR A 46 -28.17 -14.33 -39.87
C TYR A 46 -27.30 -15.01 -38.83
N PHE A 47 -27.59 -16.28 -38.53
CA PHE A 47 -26.75 -17.05 -37.65
C PHE A 47 -25.44 -17.38 -38.39
N GLU A 48 -25.55 -17.72 -39.68
CA GLU A 48 -24.34 -17.84 -40.53
C GLU A 48 -23.58 -16.50 -40.65
N VAL A 49 -24.34 -15.41 -40.71
CA VAL A 49 -23.69 -14.11 -40.69
C VAL A 49 -22.96 -13.96 -39.36
N LEU A 50 -23.60 -14.40 -38.26
CA LEU A 50 -22.96 -14.27 -36.95
C LEU A 50 -21.68 -15.06 -36.91
N ARG A 51 -21.70 -16.25 -37.52
CA ARG A 51 -20.52 -17.12 -37.59
C ARG A 51 -19.36 -16.36 -38.27
N THR A 52 -19.63 -15.74 -39.41
CA THR A 52 -18.63 -14.94 -40.09
C THR A 52 -18.15 -13.76 -39.25
N LEU A 53 -19.08 -13.02 -38.65
CA LEU A 53 -18.65 -11.91 -37.82
C LEU A 53 -17.69 -12.33 -36.70
N ILE A 54 -18.05 -13.37 -35.95
CA ILE A 54 -17.25 -13.86 -34.83
C ILE A 54 -15.82 -14.22 -35.29
N SER A 55 -15.73 -14.81 -36.46
CA SER A 55 -14.46 -15.24 -37.09
C SER A 55 -13.54 -14.06 -37.43
N LYS A 56 -14.10 -12.86 -37.58
CA LYS A 56 -13.29 -11.69 -37.91
C LYS A 56 -13.00 -10.96 -36.63
N LYS A 57 -11.77 -11.09 -36.17
CA LYS A 57 -11.32 -10.42 -34.99
C LYS A 57 -11.34 -8.90 -35.19
N SER A 58 -12.04 -8.21 -34.27
CA SER A 58 -12.20 -6.76 -34.24
C SER A 58 -12.01 -6.17 -32.84
N VAL A 59 -10.77 -5.84 -32.51
CA VAL A 59 -10.41 -5.29 -31.20
C VAL A 59 -9.81 -3.89 -31.37
N PHE A 60 -10.32 -2.90 -30.62
CA PHE A 60 -9.83 -1.53 -30.75
C PHE A 60 -8.37 -1.43 -30.30
N ALA A 61 -8.08 -1.97 -29.11
CA ALA A 61 -6.77 -1.91 -28.43
C ALA A 61 -5.63 -2.73 -29.04
N GLN A 62 -5.88 -3.38 -30.16
CA GLN A 62 -4.85 -4.14 -30.86
C GLN A 62 -4.92 -3.64 -32.29
N GLN A 63 -5.75 -2.62 -32.47
CA GLN A 63 -5.96 -1.90 -33.73
C GLN A 63 -6.44 -2.79 -34.86
N VAL A 64 -6.56 -4.08 -34.55
CA VAL A 64 -6.89 -5.13 -35.51
C VAL A 64 -8.35 -5.26 -35.96
N GLY A 65 -8.53 -5.27 -37.29
CA GLY A 65 -9.80 -5.59 -37.96
C GLY A 65 -11.02 -4.70 -37.87
N LEU A 66 -10.88 -3.46 -37.41
CA LEU A 66 -12.04 -2.57 -37.32
C LEU A 66 -12.63 -2.25 -38.70
N LYS A 67 -11.79 -1.81 -39.63
CA LYS A 67 -12.31 -1.47 -40.96
C LYS A 67 -12.93 -2.68 -41.63
N GLU A 68 -12.29 -3.83 -41.44
CA GLU A 68 -12.77 -5.05 -42.05
C GLU A 68 -14.18 -5.40 -41.59
N VAL A 69 -14.45 -5.28 -40.29
CA VAL A 69 -15.76 -5.64 -39.77
C VAL A 69 -16.78 -4.55 -40.10
N ALA A 70 -16.41 -3.29 -39.91
CA ALA A 70 -17.30 -2.18 -40.31
C ALA A 70 -17.75 -2.27 -41.77
N ASN A 71 -16.82 -2.54 -42.70
CA ASN A 71 -17.20 -2.69 -44.10
C ASN A 71 -18.12 -3.90 -44.34
N TYR A 72 -17.83 -5.03 -43.68
CA TYR A 72 -18.66 -6.22 -43.82
C TYR A 72 -20.08 -5.91 -43.33
N LEU A 73 -20.18 -5.30 -42.16
CA LEU A 73 -21.51 -4.92 -41.68
C LEU A 73 -22.19 -4.03 -42.69
N GLY A 74 -21.42 -3.16 -43.34
CA GLY A 74 -21.99 -2.24 -44.33
C GLY A 74 -22.64 -3.05 -45.44
N GLU A 75 -21.92 -4.04 -45.95
CA GLU A 75 -22.47 -4.85 -47.01
C GLU A 75 -23.74 -5.59 -46.60
N ILE A 76 -23.68 -6.20 -45.42
CA ILE A 76 -24.81 -6.91 -44.85
C ILE A 76 -26.07 -6.05 -44.85
N PHE A 77 -25.98 -4.86 -44.27
CA PHE A 77 -27.13 -3.98 -44.21
C PHE A 77 -27.55 -3.40 -45.56
N LYS A 78 -26.59 -3.14 -46.45
CA LYS A 78 -26.95 -2.65 -47.79
C LYS A 78 -27.82 -3.68 -48.52
N ARG A 79 -27.44 -4.95 -48.41
CA ARG A 79 -28.18 -6.04 -49.05
C ARG A 79 -29.69 -6.09 -48.77
N VAL A 80 -30.09 -5.61 -47.60
CA VAL A 80 -31.49 -5.64 -47.25
C VAL A 80 -32.09 -4.26 -47.33
N GLY A 81 -31.39 -3.36 -48.00
CA GLY A 81 -32.01 -2.11 -48.35
C GLY A 81 -31.87 -0.94 -47.41
N ALA A 82 -30.93 -1.02 -46.48
CA ALA A 82 -30.68 0.13 -45.61
C ALA A 82 -29.86 1.17 -46.39
N GLU A 83 -30.02 2.46 -46.04
CA GLU A 83 -29.06 3.46 -46.50
C GLU A 83 -27.96 3.41 -45.44
N VAL A 84 -26.74 3.12 -45.89
CA VAL A 84 -25.59 2.93 -45.02
C VAL A 84 -24.58 4.06 -45.20
N GLU A 85 -24.07 4.57 -44.08
CA GLU A 85 -22.97 5.51 -44.09
C GLU A 85 -21.92 5.01 -43.13
N ILE A 86 -20.68 4.87 -43.60
CA ILE A 86 -19.57 4.46 -42.76
C ILE A 86 -18.62 5.64 -42.59
N ASP A 87 -18.69 6.30 -41.44
CA ASP A 87 -17.82 7.43 -41.16
C ASP A 87 -16.46 6.93 -40.64
N GLU A 88 -15.40 7.20 -41.39
CA GLU A 88 -14.07 6.75 -41.02
C GLU A 88 -13.19 7.88 -40.44
N SER A 89 -13.81 8.95 -39.93
CA SER A 89 -13.09 10.12 -39.42
C SER A 89 -12.17 9.85 -38.24
N TYR A 90 -12.54 8.92 -37.38
CA TYR A 90 -11.72 8.62 -36.21
C TYR A 90 -11.27 7.19 -36.26
N THR A 91 -10.58 6.73 -35.24
CA THR A 91 -9.90 5.44 -35.34
C THR A 91 -10.81 4.29 -35.73
N ALA A 92 -11.91 4.15 -35.00
CA ALA A 92 -12.87 3.11 -35.28
C ALA A 92 -13.99 3.68 -36.12
N PRO A 93 -14.22 3.11 -37.31
CA PRO A 93 -15.31 3.58 -38.14
C PRO A 93 -16.69 3.47 -37.44
N PHE A 94 -17.55 4.43 -37.75
CA PHE A 94 -18.89 4.53 -37.15
C PHE A 94 -19.87 4.20 -38.24
N VAL A 95 -20.61 3.09 -38.09
CA VAL A 95 -21.51 2.60 -39.13
C VAL A 95 -22.97 2.97 -38.83
N MET A 96 -23.67 3.55 -39.80
CA MET A 96 -25.08 3.83 -39.58
C MET A 96 -25.85 3.20 -40.70
N ALA A 97 -26.96 2.56 -40.37
CA ALA A 97 -27.81 1.93 -41.35
C ALA A 97 -29.24 2.31 -41.06
N HIS A 98 -29.87 3.05 -42.00
CA HIS A 98 -31.22 3.53 -41.82
C HIS A 98 -32.18 2.79 -42.72
N PHE A 99 -33.24 2.27 -42.12
CA PHE A 99 -34.35 1.62 -42.81
C PHE A 99 -35.53 2.56 -42.68
N LYS A 100 -36.14 2.92 -43.81
CA LYS A 100 -37.19 3.91 -43.80
C LYS A 100 -38.59 3.33 -43.85
N SER A 101 -39.50 3.97 -43.13
CA SER A 101 -40.91 3.67 -43.23
C SER A 101 -41.54 4.63 -44.24
N SER A 102 -42.53 4.15 -44.99
CA SER A 102 -43.31 4.99 -45.93
C SER A 102 -44.40 5.78 -45.23
N ARG A 103 -44.75 5.41 -44.00
CA ARG A 103 -45.71 6.19 -43.25
C ARG A 103 -45.20 7.61 -43.01
N PRO A 104 -46.10 8.59 -43.16
CA PRO A 104 -45.71 9.95 -42.84
C PRO A 104 -46.01 10.13 -41.35
N ASP A 105 -45.23 10.98 -40.70
CA ASP A 105 -45.32 11.09 -39.26
C ASP A 105 -44.94 9.77 -38.59
N ALA A 106 -44.15 8.95 -39.30
CA ALA A 106 -43.63 7.73 -38.69
C ALA A 106 -42.65 8.18 -37.63
N LYS A 107 -42.59 7.41 -36.55
CA LYS A 107 -41.62 7.67 -35.50
C LYS A 107 -40.31 7.02 -35.91
N THR A 108 -39.28 7.19 -35.09
CA THR A 108 -37.99 6.54 -35.31
C THR A 108 -37.54 5.75 -34.09
N LEU A 109 -37.00 4.57 -34.38
CA LEU A 109 -36.44 3.65 -33.41
C LEU A 109 -34.95 3.52 -33.65
N ILE A 110 -34.13 3.65 -32.61
CA ILE A 110 -32.67 3.49 -32.78
C ILE A 110 -32.15 2.26 -32.04
N PHE A 111 -31.31 1.46 -32.69
CA PHE A 111 -30.58 0.40 -32.01
C PHE A 111 -29.11 0.79 -31.93
N TYR A 112 -28.57 0.92 -30.72
CA TYR A 112 -27.14 1.18 -30.55
C TYR A 112 -26.43 -0.14 -30.27
N ASN A 113 -25.34 -0.41 -30.97
CA ASN A 113 -24.57 -1.63 -30.75
C ASN A 113 -23.09 -1.38 -31.01
N HIS A 114 -22.23 -2.33 -30.70
CA HIS A 114 -20.83 -2.17 -31.07
C HIS A 114 -20.26 -3.42 -31.71
N TYR A 115 -19.35 -3.24 -32.66
CA TYR A 115 -18.78 -4.40 -33.36
C TYR A 115 -17.37 -4.80 -32.90
N ASP A 116 -16.78 -4.04 -31.99
CA ASP A 116 -15.51 -4.43 -31.42
C ASP A 116 -15.75 -5.24 -30.16
N THR A 117 -14.81 -6.11 -29.81
CA THR A 117 -14.88 -6.96 -28.63
C THR A 117 -13.58 -6.84 -27.83
N VAL A 118 -13.54 -7.40 -26.62
CA VAL A 118 -12.27 -7.46 -25.89
C VAL A 118 -11.43 -8.60 -26.48
N PRO A 119 -10.12 -8.62 -26.19
CA PRO A 119 -9.30 -9.72 -26.69
C PRO A 119 -9.71 -11.06 -26.09
N ALA A 120 -9.36 -12.18 -26.74
CA ALA A 120 -9.65 -13.52 -26.21
C ALA A 120 -8.75 -13.85 -25.00
N ASP A 121 -7.43 -13.68 -25.19
CA ASP A 121 -6.37 -13.54 -24.15
C ASP A 121 -6.17 -14.39 -22.88
N GLY A 122 -5.61 -13.68 -21.89
CA GLY A 122 -5.26 -14.06 -20.50
C GLY A 122 -5.13 -15.49 -20.00
N ASP A 123 -5.56 -15.67 -18.76
CA ASP A 123 -5.66 -16.99 -18.14
C ASP A 123 -7.04 -17.54 -18.47
N GLN A 124 -7.63 -16.99 -19.53
CA GLN A 124 -8.95 -17.38 -19.98
C GLN A 124 -8.96 -18.75 -20.63
N VAL A 125 -9.89 -19.58 -20.18
CA VAL A 125 -10.05 -20.94 -20.68
C VAL A 125 -11.06 -20.99 -21.83
N TRP A 126 -10.62 -21.42 -23.01
CA TRP A 126 -11.53 -21.59 -24.13
C TRP A 126 -11.59 -23.03 -24.56
N THR A 127 -12.80 -23.60 -24.55
CA THR A 127 -12.99 -24.99 -24.95
C THR A 127 -12.74 -25.15 -26.43
N GLU A 128 -13.22 -24.19 -27.21
CA GLU A 128 -12.93 -24.17 -28.64
C GLU A 128 -12.43 -22.79 -29.03
N ASP A 129 -11.83 -22.65 -30.20
CA ASP A 129 -11.23 -21.39 -30.60
C ASP A 129 -12.20 -20.23 -30.34
N PRO A 130 -11.71 -19.16 -29.69
CA PRO A 130 -12.58 -18.02 -29.36
C PRO A 130 -13.19 -17.34 -30.58
N PHE A 131 -12.53 -17.47 -31.73
CA PHE A 131 -13.02 -16.84 -32.95
C PHE A 131 -13.73 -17.82 -33.85
N THR A 132 -14.08 -18.98 -33.31
CA THR A 132 -14.88 -19.93 -34.05
C THR A 132 -16.20 -20.10 -33.28
N LEU A 133 -17.30 -19.67 -33.88
CA LEU A 133 -18.62 -19.79 -33.24
C LEU A 133 -18.87 -21.28 -33.06
N SER A 134 -19.08 -21.70 -31.83
CA SER A 134 -19.21 -23.12 -31.49
C SER A 134 -20.52 -23.34 -30.72
N VAL A 135 -21.34 -24.29 -31.17
CA VAL A 135 -22.60 -24.60 -30.48
C VAL A 135 -22.46 -25.91 -29.67
N ARG A 136 -22.69 -25.84 -28.35
CA ARG A 136 -22.60 -27.02 -27.48
C ARG A 136 -23.70 -26.95 -26.44
N ASN A 137 -24.43 -28.04 -26.23
CA ASN A 137 -25.46 -28.14 -25.18
C ASN A 137 -26.51 -27.02 -25.14
N GLY A 138 -26.90 -26.54 -26.30
CA GLY A 138 -27.91 -25.48 -26.34
C GLY A 138 -27.39 -24.07 -26.10
N PHE A 139 -26.07 -23.90 -26.07
CA PHE A 139 -25.44 -22.57 -25.94
C PHE A 139 -24.54 -22.32 -27.14
N MET A 140 -24.39 -21.06 -27.52
CA MET A 140 -23.44 -20.71 -28.57
C MET A 140 -22.25 -20.02 -27.92
N TYR A 141 -21.03 -20.39 -28.35
CA TYR A 141 -19.81 -19.89 -27.72
C TYR A 141 -18.92 -19.15 -28.72
N GLY A 142 -18.35 -18.04 -28.26
CA GLY A 142 -17.47 -17.28 -29.13
C GLY A 142 -17.22 -15.90 -28.60
N ARG A 143 -16.04 -15.33 -28.91
CA ARG A 143 -15.75 -13.96 -28.51
C ARG A 143 -16.68 -13.00 -29.25
N GLY A 144 -17.56 -12.34 -28.51
CA GLY A 144 -18.52 -11.47 -29.11
C GLY A 144 -19.95 -12.02 -29.25
N VAL A 145 -20.26 -13.24 -28.81
CA VAL A 145 -21.60 -13.75 -29.11
C VAL A 145 -22.59 -13.00 -28.23
N ASP A 146 -22.13 -12.61 -27.06
CA ASP A 146 -23.00 -11.80 -26.13
C ASP A 146 -22.62 -10.32 -26.28
N ASP A 147 -21.33 -10.05 -26.17
CA ASP A 147 -20.82 -8.68 -26.23
C ASP A 147 -19.95 -8.41 -27.48
N ASP A 148 -20.51 -7.93 -28.60
CA ASP A 148 -21.90 -7.50 -28.74
C ASP A 148 -22.45 -7.88 -30.05
N LYS A 149 -21.70 -8.70 -30.80
CA LYS A 149 -22.10 -9.04 -32.13
C LYS A 149 -23.39 -9.86 -32.27
N GLY A 150 -23.61 -10.80 -31.37
CA GLY A 150 -24.85 -11.58 -31.34
C GLY A 150 -26.05 -10.67 -31.25
N HIS A 151 -25.92 -9.55 -30.55
CA HIS A 151 -27.04 -8.61 -30.45
C HIS A 151 -27.30 -7.98 -31.81
N ILE A 152 -26.23 -7.76 -32.59
CA ILE A 152 -26.41 -7.17 -33.92
C ILE A 152 -27.15 -8.13 -34.86
N THR A 153 -26.69 -9.37 -34.98
CA THR A 153 -27.38 -10.30 -35.88
C THR A 153 -28.80 -10.65 -35.41
N ALA A 154 -29.06 -10.66 -34.09
CA ALA A 154 -30.44 -10.91 -33.58
C ALA A 154 -31.41 -9.78 -33.92
N ARG A 155 -30.97 -8.54 -33.75
CA ARG A 155 -31.84 -7.40 -34.08
C ARG A 155 -32.07 -7.26 -35.57
N LEU A 156 -31.04 -7.52 -36.37
CA LEU A 156 -31.30 -7.52 -37.81
C LEU A 156 -32.31 -8.64 -38.15
N SER A 157 -32.10 -9.87 -37.63
CA SER A 157 -33.04 -10.97 -37.81
C SER A 157 -34.46 -10.57 -37.52
N ALA A 158 -34.65 -9.83 -36.44
CA ALA A 158 -35.98 -9.38 -36.05
C ALA A 158 -36.59 -8.50 -37.12
N LEU A 159 -35.81 -7.59 -37.70
CA LEU A 159 -36.36 -6.68 -38.65
C LEU A 159 -36.76 -7.41 -39.90
N ARG A 160 -35.86 -8.27 -40.36
CA ARG A 160 -36.11 -9.06 -41.54
C ARG A 160 -37.27 -10.05 -41.40
N LYS A 161 -37.44 -10.60 -40.20
CA LYS A 161 -38.60 -11.43 -39.94
C LYS A 161 -39.89 -10.61 -40.05
N TYR A 162 -39.91 -9.42 -39.47
CA TYR A 162 -41.08 -8.57 -39.62
C TYR A 162 -41.35 -8.33 -41.10
N MET A 163 -40.27 -8.15 -41.86
CA MET A 163 -40.37 -7.89 -43.29
C MET A 163 -40.84 -9.10 -44.11
N GLN A 164 -40.76 -10.31 -43.57
CA GLN A 164 -41.32 -11.45 -44.27
C GLN A 164 -42.83 -11.32 -44.44
N HIS A 165 -43.50 -10.72 -43.46
CA HIS A 165 -44.97 -10.63 -43.42
C HIS A 165 -45.55 -9.25 -43.66
N HIS A 166 -44.72 -8.31 -44.11
CA HIS A 166 -45.19 -6.94 -44.29
C HIS A 166 -44.46 -6.28 -45.47
N ASP A 167 -45.17 -5.33 -46.10
CA ASP A 167 -44.66 -4.61 -47.28
C ASP A 167 -43.80 -3.43 -46.86
N ASP A 168 -44.14 -2.87 -45.71
CA ASP A 168 -43.47 -1.68 -45.23
C ASP A 168 -43.20 -1.76 -43.72
N LEU A 169 -42.28 -0.94 -43.24
CA LEU A 169 -42.05 -0.83 -41.79
C LEU A 169 -43.02 0.18 -41.24
N PRO A 170 -43.51 -0.03 -40.02
CA PRO A 170 -44.40 0.94 -39.38
C PRO A 170 -43.69 2.10 -38.68
N VAL A 171 -42.36 2.09 -38.67
CA VAL A 171 -41.55 3.02 -37.90
C VAL A 171 -40.20 3.08 -38.60
N ASN A 172 -39.55 4.24 -38.57
CA ASN A 172 -38.20 4.32 -39.15
C ASN A 172 -37.22 3.61 -38.22
N ILE A 173 -36.26 2.86 -38.77
CA ILE A 173 -35.34 2.15 -37.87
C ILE A 173 -33.88 2.47 -38.22
N SER A 174 -33.11 2.94 -37.24
CA SER A 174 -31.70 3.25 -37.45
C SER A 174 -30.79 2.40 -36.57
N PHE A 175 -29.81 1.74 -37.16
CA PHE A 175 -28.83 1.02 -36.39
C PHE A 175 -27.56 1.85 -36.39
N ILE A 176 -26.98 2.10 -35.22
CA ILE A 176 -25.68 2.78 -35.11
C ILE A 176 -24.74 1.85 -34.40
N MET A 177 -23.61 1.59 -35.03
CA MET A 177 -22.66 0.60 -34.58
C MET A 177 -21.28 1.25 -34.49
N GLU A 178 -20.77 1.43 -33.27
CA GLU A 178 -19.47 2.03 -33.07
C GLU A 178 -18.44 0.92 -32.92
N GLY A 179 -17.16 1.25 -33.05
CA GLY A 179 -16.08 0.24 -33.00
C GLY A 179 -15.10 0.41 -31.85
N ALA A 180 -15.44 1.23 -30.87
CA ALA A 180 -14.51 1.48 -29.75
C ALA A 180 -15.18 1.43 -28.35
N GLU A 181 -16.28 0.71 -28.24
CA GLU A 181 -17.01 0.61 -26.98
C GLU A 181 -16.13 0.04 -25.86
N GLU A 182 -15.29 -0.94 -26.17
CA GLU A 182 -14.46 -1.58 -25.16
C GLU A 182 -13.24 -0.74 -24.76
N SER A 183 -12.98 0.33 -25.48
CA SER A 183 -11.95 1.26 -25.06
C SER A 183 -12.61 2.59 -24.73
N ALA A 184 -13.58 2.52 -23.81
CA ALA A 184 -14.28 3.72 -23.36
C ALA A 184 -15.00 4.57 -24.43
N SER A 185 -15.35 3.95 -25.57
CA SER A 185 -16.12 4.65 -26.62
C SER A 185 -15.37 5.87 -27.13
N THR A 186 -14.08 5.69 -27.34
CA THR A 186 -13.23 6.73 -27.88
C THR A 186 -13.83 7.35 -29.14
N ASP A 187 -14.03 8.67 -29.07
CA ASP A 187 -14.57 9.53 -30.14
C ASP A 187 -16.07 9.35 -30.48
N LEU A 188 -16.77 8.52 -29.71
CA LEU A 188 -18.19 8.36 -29.89
C LEU A 188 -18.82 9.72 -29.81
N ASP A 189 -18.39 10.55 -28.86
CA ASP A 189 -19.03 11.87 -28.69
C ASP A 189 -18.89 12.69 -29.98
N LYS A 190 -17.76 12.55 -30.67
CA LYS A 190 -17.55 13.30 -31.90
C LYS A 190 -18.34 12.76 -33.10
N TYR A 191 -18.62 11.46 -33.11
CA TYR A 191 -19.46 10.89 -34.16
C TYR A 191 -20.92 11.28 -33.96
N LEU A 192 -21.39 11.24 -32.73
CA LEU A 192 -22.79 11.56 -32.48
C LEU A 192 -23.08 13.05 -32.68
N GLU A 193 -22.12 13.91 -32.35
CA GLU A 193 -22.30 15.34 -32.61
C GLU A 193 -22.41 15.55 -34.12
N LYS A 194 -21.55 14.85 -34.87
CA LYS A 194 -21.47 14.92 -36.32
C LYS A 194 -22.76 14.44 -37.01
N HIS A 195 -23.45 13.47 -36.41
CA HIS A 195 -24.60 12.86 -37.06
C HIS A 195 -25.89 13.02 -36.29
N ALA A 196 -25.89 13.89 -35.30
CA ALA A 196 -27.07 14.13 -34.46
C ALA A 196 -28.31 14.52 -35.25
N ASP A 197 -28.14 15.30 -36.31
CA ASP A 197 -29.30 15.75 -37.09
C ASP A 197 -30.16 14.63 -37.63
N LYS A 198 -29.51 13.55 -38.06
CA LYS A 198 -30.24 12.39 -38.56
C LYS A 198 -30.81 11.50 -37.44
N LEU A 199 -30.27 11.61 -36.22
CA LEU A 199 -30.68 10.74 -35.10
C LEU A 199 -31.60 11.40 -34.07
N ARG A 200 -31.37 12.68 -33.77
CA ARG A 200 -32.21 13.37 -32.79
C ARG A 200 -33.69 13.27 -33.12
N GLY A 201 -34.54 13.29 -32.10
CA GLY A 201 -35.99 13.21 -32.30
C GLY A 201 -36.57 11.80 -32.34
N ALA A 202 -35.72 10.77 -32.21
CA ALA A 202 -36.24 9.41 -32.22
C ALA A 202 -37.10 9.17 -30.98
N ASP A 203 -37.94 8.14 -31.06
CA ASP A 203 -38.87 7.76 -30.01
C ASP A 203 -38.18 6.98 -28.89
N LEU A 204 -37.24 6.13 -29.29
CA LEU A 204 -36.64 5.26 -28.31
C LEU A 204 -35.30 4.81 -28.83
N LEU A 205 -34.36 4.61 -27.90
CA LEU A 205 -33.06 4.06 -28.28
C LEU A 205 -32.86 2.83 -27.42
N VAL A 206 -32.59 1.71 -28.08
CA VAL A 206 -32.38 0.44 -27.38
C VAL A 206 -30.85 0.26 -27.28
N TRP A 207 -30.37 -0.01 -26.06
CA TRP A 207 -28.97 -0.06 -25.74
C TRP A 207 -28.32 -1.32 -26.27
N GLU A 208 -27.00 -1.37 -26.22
CA GLU A 208 -26.22 -2.43 -26.90
C GLU A 208 -26.37 -3.85 -26.42
N GLN A 209 -26.72 -4.01 -25.15
CA GLN A 209 -26.95 -5.34 -24.66
C GLN A 209 -27.75 -5.32 -23.39
N GLY A 210 -28.10 -6.50 -22.95
CA GLY A 210 -28.82 -6.69 -21.73
C GLY A 210 -28.75 -8.17 -21.44
N THR A 211 -29.15 -8.53 -20.24
CA THR A 211 -29.08 -9.89 -19.79
C THR A 211 -30.33 -10.28 -18.96
N LYS A 212 -30.53 -11.59 -18.85
CA LYS A 212 -31.38 -12.15 -17.81
C LYS A 212 -30.52 -12.22 -16.54
N ASN A 213 -31.11 -12.00 -15.37
CA ASN A 213 -30.39 -12.13 -14.12
C ASN A 213 -30.40 -13.58 -13.61
N ALA A 214 -29.81 -13.79 -12.44
CA ALA A 214 -29.70 -15.12 -11.84
C ALA A 214 -31.03 -15.87 -11.66
N LEU A 215 -32.15 -15.14 -11.56
CA LEU A 215 -33.44 -15.79 -11.48
C LEU A 215 -34.14 -15.91 -12.83
N GLU A 216 -33.40 -15.71 -13.91
CA GLU A 216 -33.95 -15.77 -15.27
C GLU A 216 -35.00 -14.73 -15.60
N GLN A 217 -35.05 -13.66 -14.81
CA GLN A 217 -35.84 -12.48 -15.15
C GLN A 217 -35.09 -11.61 -16.16
N LEU A 218 -35.79 -11.10 -17.17
CA LEU A 218 -35.19 -10.19 -18.11
C LEU A 218 -34.88 -8.83 -17.46
N GLU A 219 -33.60 -8.47 -17.38
CA GLU A 219 -33.28 -7.12 -16.88
C GLU A 219 -33.54 -6.04 -17.93
N ILE A 220 -34.29 -5.02 -17.53
CA ILE A 220 -34.57 -3.91 -18.41
C ILE A 220 -34.10 -2.68 -17.61
N SER A 221 -33.01 -2.06 -18.04
CA SER A 221 -32.37 -1.02 -17.27
C SER A 221 -32.29 0.32 -18.00
N GLY A 222 -32.10 1.39 -17.25
CA GLY A 222 -32.21 2.71 -17.85
C GLY A 222 -31.07 3.66 -17.57
N GLY A 223 -29.95 3.13 -17.09
CA GLY A 223 -28.81 3.98 -16.74
C GLY A 223 -27.53 3.22 -16.44
N ASN A 224 -26.46 3.98 -16.33
CA ASN A 224 -25.14 3.57 -15.86
C ASN A 224 -24.68 4.52 -14.77
N LYS A 225 -23.98 3.99 -13.76
CA LYS A 225 -23.25 4.84 -12.84
C LYS A 225 -21.93 5.30 -13.53
N GLY A 226 -21.25 6.30 -12.98
CA GLY A 226 -20.02 6.84 -13.54
C GLY A 226 -18.85 6.59 -12.59
N ILE A 227 -17.73 7.27 -12.82
CA ILE A 227 -16.63 7.06 -11.95
C ILE A 227 -15.66 8.17 -12.20
N VAL A 228 -14.84 8.45 -11.19
CA VAL A 228 -13.64 9.25 -11.38
C VAL A 228 -12.50 8.54 -10.67
N THR A 229 -11.39 8.34 -11.37
CA THR A 229 -10.24 7.70 -10.74
C THR A 229 -9.12 8.71 -10.68
N PHE A 230 -8.30 8.63 -9.62
CA PHE A 230 -7.19 9.54 -9.46
C PHE A 230 -6.11 8.99 -8.54
N ASP A 231 -4.88 9.50 -8.68
CA ASP A 231 -3.76 9.14 -7.80
C ASP A 231 -3.68 10.15 -6.68
N ALA A 232 -3.35 9.67 -5.49
CA ALA A 232 -3.07 10.53 -4.33
C ALA A 232 -1.65 10.21 -3.88
N LYS A 233 -0.86 11.23 -3.58
CA LYS A 233 0.53 11.04 -3.19
C LYS A 233 0.92 12.02 -2.08
N VAL A 234 1.74 11.55 -1.14
CA VAL A 234 2.28 12.40 -0.09
C VAL A 234 3.81 12.27 -0.03
N LYS A 235 4.49 13.39 0.12
CA LYS A 235 5.95 13.43 0.37
C LYS A 235 6.14 14.19 1.65
N SER A 236 6.60 13.51 2.69
CA SER A 236 6.73 14.11 4.00
C SER A 236 8.16 14.55 4.31
N ALA A 237 9.12 14.09 3.54
CA ALA A 237 10.50 14.46 3.81
C ALA A 237 11.31 14.10 2.59
N ASP A 238 12.58 14.53 2.57
CA ASP A 238 13.49 14.25 1.46
C ASP A 238 14.00 12.82 1.45
N VAL A 239 13.96 12.16 2.60
CA VAL A 239 14.48 10.79 2.75
C VAL A 239 13.72 10.03 3.83
N ASP A 240 13.80 8.71 3.77
CA ASP A 240 13.25 7.89 4.84
C ASP A 240 14.10 8.21 6.06
N ILE A 241 13.47 8.36 7.20
CA ILE A 241 14.16 8.76 8.41
C ILE A 241 14.16 7.59 9.38
N HIS A 242 15.14 7.53 10.28
CA HIS A 242 15.19 6.40 11.21
C HIS A 242 13.93 6.45 12.09
N SER A 243 13.28 5.30 12.33
CA SER A 243 12.01 5.35 13.09
C SER A 243 12.10 5.77 14.57
N SER A 244 13.32 5.86 15.11
CA SER A 244 13.51 6.40 16.45
C SER A 244 12.91 7.80 16.53
N TYR A 245 12.78 8.48 15.39
CA TYR A 245 12.16 9.85 15.34
C TYR A 245 10.64 9.87 15.23
N GLY A 246 9.98 8.71 15.28
CA GLY A 246 8.57 8.63 14.95
C GLY A 246 7.62 9.29 15.94
N GLY A 247 8.13 9.63 17.12
CA GLY A 247 7.32 10.34 18.14
C GLY A 247 7.27 11.84 17.87
N VAL A 248 8.22 12.35 17.12
CA VAL A 248 8.34 13.79 16.87
C VAL A 248 8.18 14.21 15.41
N VAL A 249 8.46 13.28 14.50
CA VAL A 249 8.41 13.56 13.07
C VAL A 249 7.26 12.76 12.45
N GLU A 250 6.38 13.48 11.73
CA GLU A 250 5.23 12.86 11.08
C GLU A 250 5.65 12.20 9.78
N SER A 251 5.12 11.01 9.53
CA SER A 251 5.53 10.30 8.31
C SER A 251 4.47 10.37 7.23
N ALA A 252 4.89 10.05 6.01
CA ALA A 252 3.97 10.02 4.88
C ALA A 252 2.78 9.06 5.04
N PRO A 253 2.98 7.80 5.50
CA PRO A 253 1.77 6.97 5.62
C PRO A 253 0.77 7.40 6.67
N TRP A 254 1.23 7.92 7.79
CA TRP A 254 0.29 8.42 8.83
C TRP A 254 -0.54 9.59 8.28
N TYR A 255 0.12 10.57 7.68
CA TYR A 255 -0.54 11.69 7.03
C TYR A 255 -1.55 11.25 6.00
N LEU A 256 -1.15 10.35 5.10
CA LEU A 256 -2.10 9.88 4.11
C LEU A 256 -3.29 9.12 4.70
N LEU A 257 -3.05 8.22 5.67
CA LEU A 257 -4.13 7.47 6.33
C LEU A 257 -5.06 8.47 6.99
N GLN A 258 -4.49 9.45 7.69
CA GLN A 258 -5.32 10.49 8.36
C GLN A 258 -6.18 11.26 7.34
N ALA A 259 -5.58 11.59 6.19
CA ALA A 259 -6.28 12.33 5.13
C ALA A 259 -7.48 11.55 4.59
N LEU A 260 -7.26 10.27 4.24
CA LEU A 260 -8.32 9.43 3.70
C LEU A 260 -9.41 9.20 4.74
N GLN A 261 -8.99 8.92 5.97
N GLN A 261 -9.03 8.90 5.97
CA GLN A 261 -9.92 8.71 7.08
CA GLN A 261 -10.05 8.67 7.00
C GLN A 261 -10.81 9.91 7.34
C GLN A 261 -10.92 9.91 7.14
N SER A 262 -10.32 11.08 6.98
CA SER A 262 -11.06 12.35 7.15
C SER A 262 -12.19 12.50 6.12
N LEU A 263 -12.07 11.81 4.99
CA LEU A 263 -13.03 11.91 3.89
C LEU A 263 -14.15 10.88 3.91
N ARG A 264 -14.17 10.00 4.91
CA ARG A 264 -15.18 8.95 4.88
C ARG A 264 -15.59 8.45 6.22
N ALA A 265 -16.90 8.42 6.48
CA ALA A 265 -17.45 7.88 7.72
C ALA A 265 -17.35 6.36 7.74
N ALA A 266 -17.48 5.77 8.92
CA ALA A 266 -17.42 4.31 9.08
C ALA A 266 -18.55 3.61 8.33
N ASP A 267 -19.67 4.29 8.10
CA ASP A 267 -20.73 3.68 7.29
C ASP A 267 -20.59 3.94 5.79
N GLY A 268 -19.44 4.48 5.36
CA GLY A 268 -19.20 4.71 3.93
C GLY A 268 -19.67 6.06 3.37
N ARG A 269 -20.40 6.85 4.15
CA ARG A 269 -20.76 8.18 3.66
C ARG A 269 -19.53 9.03 3.41
N ILE A 270 -19.49 9.76 2.29
CA ILE A 270 -18.34 10.57 1.95
C ILE A 270 -18.43 11.92 2.67
N LEU A 271 -17.34 12.32 3.35
CA LEU A 271 -17.38 13.57 4.12
C LEU A 271 -16.69 14.66 3.33
N VAL A 272 -17.37 15.11 2.29
CA VAL A 272 -16.87 16.15 1.42
C VAL A 272 -17.98 17.15 1.23
N GLU A 273 -17.69 18.39 1.61
CA GLU A 273 -18.66 19.47 1.49
C GLU A 273 -19.03 19.76 0.07
N GLY A 274 -20.32 19.97 -0.14
CA GLY A 274 -20.78 20.33 -1.45
C GLY A 274 -21.14 19.12 -2.30
N LEU A 275 -20.70 17.95 -1.89
CA LEU A 275 -20.85 16.74 -2.76
C LEU A 275 -22.28 16.24 -2.84
N TYR A 276 -22.94 16.02 -1.71
CA TYR A 276 -24.28 15.47 -1.76
C TYR A 276 -25.29 16.49 -2.25
N GLU A 277 -24.96 17.78 -2.12
CA GLU A 277 -25.84 18.84 -2.62
C GLU A 277 -26.05 18.73 -4.11
N GLU A 278 -25.07 18.18 -4.79
CA GLU A 278 -25.10 18.01 -6.25
C GLU A 278 -25.80 16.73 -6.71
N VAL A 279 -26.00 15.80 -5.79
CA VAL A 279 -26.61 14.51 -6.11
C VAL A 279 -28.12 14.66 -6.39
N GLN A 280 -28.58 14.17 -7.53
CA GLN A 280 -30.01 14.13 -7.82
C GLN A 280 -30.62 12.97 -7.02
N GLU A 281 -31.53 13.29 -6.12
CA GLU A 281 -32.15 12.25 -5.30
C GLU A 281 -33.14 11.41 -6.12
N PRO A 282 -33.23 10.10 -5.85
CA PRO A 282 -34.18 9.27 -6.62
C PRO A 282 -35.62 9.66 -6.33
N ASN A 283 -36.48 9.63 -7.34
CA ASN A 283 -37.87 10.02 -7.14
C ASN A 283 -38.67 8.84 -6.60
N GLU A 284 -39.96 9.03 -6.30
CA GLU A 284 -40.76 7.94 -5.76
C GLU A 284 -40.84 6.72 -6.69
N ARG A 285 -40.96 6.94 -7.99
CA ARG A 285 -40.99 5.77 -8.88
C ARG A 285 -39.68 4.93 -8.79
N GLU A 286 -38.54 5.62 -8.74
CA GLU A 286 -37.25 4.96 -8.70
C GLU A 286 -37.09 4.12 -7.46
N MET A 287 -37.59 4.63 -6.34
CA MET A 287 -37.51 3.90 -5.10
C MET A 287 -38.46 2.73 -5.06
N ALA A 288 -39.60 2.89 -5.74
CA ALA A 288 -40.59 1.81 -5.83
C ALA A 288 -40.06 0.70 -6.75
N LEU A 289 -39.44 1.07 -7.86
CA LEU A 289 -38.78 0.09 -8.73
C LEU A 289 -37.76 -0.76 -7.96
N LEU A 290 -36.89 -0.13 -7.18
CA LEU A 290 -35.92 -0.86 -6.36
C LEU A 290 -36.58 -1.83 -5.43
N GLU A 291 -37.58 -1.35 -4.69
CA GLU A 291 -38.34 -2.19 -3.79
C GLU A 291 -38.86 -3.41 -4.52
N THR A 292 -39.43 -3.19 -5.70
CA THR A 292 -40.09 -4.29 -6.38
C THR A 292 -39.10 -5.23 -7.04
N TYR A 293 -38.08 -4.65 -7.68
CA TYR A 293 -37.22 -5.44 -8.57
C TYR A 293 -35.80 -5.67 -8.13
N GLY A 294 -35.38 -4.99 -7.08
CA GLY A 294 -34.02 -5.16 -6.59
C GLY A 294 -33.91 -6.54 -5.97
N GLN A 295 -32.69 -7.05 -5.88
CA GLN A 295 -32.49 -8.34 -5.24
C GLN A 295 -33.20 -8.49 -3.93
N ARG A 296 -33.78 -9.68 -3.74
CA ARG A 296 -34.54 -10.01 -2.56
C ARG A 296 -33.66 -10.03 -1.30
N ASN A 297 -32.46 -10.58 -1.44
CA ASN A 297 -31.54 -10.70 -0.31
C ASN A 297 -30.15 -10.31 -0.75
N PRO A 298 -29.89 -8.99 -0.84
CA PRO A 298 -28.58 -8.50 -1.30
C PRO A 298 -27.46 -8.84 -0.31
N GLU A 299 -27.85 -9.07 0.93
CA GLU A 299 -26.99 -9.59 1.97
C GLU A 299 -26.31 -10.90 1.58
N GLU A 300 -26.67 -11.47 0.43
CA GLU A 300 -26.08 -12.71 -0.05
C GLU A 300 -24.67 -12.52 -0.62
N VAL A 301 -24.30 -11.27 -0.86
CA VAL A 301 -22.94 -10.93 -1.33
C VAL A 301 -21.94 -11.43 -0.29
N SER A 302 -22.37 -11.50 0.97
CA SER A 302 -21.52 -11.99 2.02
C SER A 302 -21.08 -13.43 1.74
N ARG A 303 -22.03 -14.27 1.33
CA ARG A 303 -21.74 -15.68 1.00
C ARG A 303 -20.91 -15.77 -0.27
N ILE A 304 -21.39 -15.15 -1.33
CA ILE A 304 -20.75 -15.18 -2.65
C ILE A 304 -19.26 -14.86 -2.60
N TYR A 305 -18.87 -13.87 -1.79
CA TYR A 305 -17.47 -13.44 -1.75
C TYR A 305 -16.77 -13.76 -0.43
N GLY A 306 -17.47 -14.46 0.46
CA GLY A 306 -16.88 -14.83 1.75
C GLY A 306 -16.43 -13.61 2.53
N LEU A 307 -17.31 -12.63 2.66
CA LEU A 307 -17.00 -11.41 3.41
C LEU A 307 -16.72 -11.74 4.87
N GLU A 308 -15.73 -11.06 5.44
CA GLU A 308 -15.31 -11.31 6.82
C GLU A 308 -15.67 -10.14 7.71
N LEU A 309 -16.14 -9.06 7.10
CA LEU A 309 -16.54 -7.85 7.83
C LEU A 309 -17.98 -7.56 7.47
N PRO A 310 -18.72 -6.89 8.38
CA PRO A 310 -20.12 -6.62 8.07
C PRO A 310 -20.29 -5.66 6.91
N LEU A 311 -21.45 -5.73 6.26
CA LEU A 311 -21.80 -4.82 5.16
C LEU A 311 -21.86 -3.41 5.70
N LEU A 312 -21.66 -2.42 4.85
CA LEU A 312 -21.70 -1.03 5.32
C LEU A 312 -23.13 -0.59 5.48
N GLN A 313 -24.02 -1.17 4.66
CA GLN A 313 -25.46 -0.98 4.75
C GLN A 313 -26.08 -2.38 4.73
N GLU A 314 -26.78 -2.75 5.79
CA GLU A 314 -27.31 -4.12 5.92
C GLU A 314 -28.78 -4.33 5.58
N GLU A 315 -29.65 -3.41 5.97
CA GLU A 315 -31.06 -3.58 5.64
C GLU A 315 -31.22 -3.50 4.11
N ARG A 316 -32.13 -4.32 3.57
CA ARG A 316 -32.31 -4.47 2.12
C ARG A 316 -32.45 -3.17 1.34
N MET A 317 -33.38 -2.29 1.73
CA MET A 317 -33.55 -1.03 1.01
C MET A 317 -32.38 -0.04 1.19
N ALA A 318 -31.80 0.02 2.37
CA ALA A 318 -30.63 0.86 2.62
C ALA A 318 -29.50 0.39 1.68
N PHE A 319 -29.34 -0.92 1.63
CA PHE A 319 -28.34 -1.55 0.78
C PHE A 319 -28.56 -1.21 -0.69
N LEU A 320 -29.76 -1.49 -1.21
CA LEU A 320 -30.06 -1.23 -2.63
C LEU A 320 -29.93 0.25 -2.99
N LYS A 321 -30.41 1.10 -2.11
CA LYS A 321 -30.33 2.52 -2.38
C LYS A 321 -28.90 3.01 -2.37
N ARG A 322 -28.07 2.50 -1.46
CA ARG A 322 -26.64 2.88 -1.44
C ARG A 322 -25.95 2.38 -2.70
N PHE A 323 -26.28 1.16 -3.06
CA PHE A 323 -25.64 0.48 -4.20
C PHE A 323 -25.97 1.12 -5.55
N PHE A 324 -27.23 1.43 -5.78
CA PHE A 324 -27.63 2.05 -7.03
C PHE A 324 -27.61 3.57 -7.13
N PHE A 325 -27.88 4.25 -6.01
CA PHE A 325 -28.12 5.68 -6.07
C PHE A 325 -27.12 6.56 -5.31
N ASP A 326 -26.16 5.97 -4.61
CA ASP A 326 -25.17 6.76 -3.84
C ASP A 326 -23.75 6.66 -4.45
N PRO A 327 -22.91 7.71 -4.25
CA PRO A 327 -21.52 7.55 -4.68
C PRO A 327 -20.75 6.73 -3.66
N ALA A 328 -19.48 6.42 -3.95
CA ALA A 328 -18.67 5.69 -2.99
C ALA A 328 -17.19 6.01 -3.20
N LEU A 329 -16.45 6.22 -2.11
CA LEU A 329 -15.00 6.52 -2.16
C LEU A 329 -14.22 5.22 -1.90
N ASN A 330 -13.47 4.82 -2.90
CA ASN A 330 -12.84 3.52 -2.86
C ASN A 330 -11.32 3.61 -2.96
N ILE A 331 -10.64 2.79 -2.16
CA ILE A 331 -9.21 2.65 -2.23
C ILE A 331 -8.99 1.39 -3.10
N GLU A 332 -8.38 1.57 -4.27
CA GLU A 332 -8.06 0.48 -5.18
C GLU A 332 -6.67 -0.09 -4.84
N GLY A 333 -5.83 0.74 -4.23
CA GLY A 333 -4.51 0.37 -3.75
C GLY A 333 -3.93 1.48 -2.88
N ILE A 334 -3.06 1.13 -1.95
CA ILE A 334 -2.32 2.07 -1.12
C ILE A 334 -0.96 1.43 -0.80
N GLN A 335 0.13 2.20 -0.87
CA GLN A 335 1.44 1.62 -0.58
C GLN A 335 2.41 2.64 -0.01
N SER A 336 3.26 2.19 0.90
CA SER A 336 4.29 3.01 1.50
C SER A 336 5.32 2.15 2.20
N GLY A 337 6.58 2.60 2.17
CA GLY A 337 7.64 1.99 2.97
C GLY A 337 7.93 0.55 2.65
N TYR A 338 8.20 -0.24 3.68
CA TYR A 338 8.75 -1.58 3.49
C TYR A 338 7.78 -2.75 3.43
N GLN A 339 7.78 -3.48 2.30
CA GLN A 339 7.13 -4.77 2.25
C GLN A 339 8.19 -5.86 2.04
N GLY A 340 8.04 -6.98 2.74
CA GLY A 340 8.98 -8.10 2.63
C GLY A 340 9.04 -8.86 3.94
N GLN A 341 10.09 -9.66 4.12
CA GLN A 341 10.26 -10.35 5.38
C GLN A 341 11.14 -9.48 6.22
N GLY A 342 11.07 -9.67 7.53
CA GLY A 342 11.88 -8.88 8.43
C GLY A 342 11.30 -7.51 8.63
N VAL A 343 12.07 -6.64 9.29
CA VAL A 343 11.63 -5.29 9.61
C VAL A 343 12.53 -4.27 8.91
N LYS A 344 12.19 -3.00 9.00
CA LYS A 344 13.02 -1.94 8.46
C LYS A 344 12.61 -0.74 9.25
N THR A 345 13.53 -0.24 10.04
CA THR A 345 13.23 0.78 11.02
C THR A 345 13.25 2.19 10.40
N ILE A 346 12.25 2.46 9.55
CA ILE A 346 12.19 3.75 8.87
C ILE A 346 10.82 4.39 9.05
N LEU A 347 10.81 5.72 8.95
CA LEU A 347 9.59 6.53 8.77
C LEU A 347 9.63 6.85 7.27
N PRO A 348 8.76 6.21 6.49
CA PRO A 348 8.75 6.39 5.06
C PRO A 348 8.48 7.84 4.65
N ALA A 349 9.24 8.32 3.67
CA ALA A 349 9.13 9.66 3.12
C ALA A 349 7.96 9.83 2.16
N GLU A 350 7.53 8.74 1.55
CA GLU A 350 6.48 8.79 0.55
C GLU A 350 5.41 7.74 0.76
N ALA A 351 4.18 8.09 0.41
CA ALA A 351 3.04 7.17 0.45
C ALA A 351 2.17 7.50 -0.73
N SER A 352 1.58 6.49 -1.39
CA SER A 352 0.65 6.75 -2.49
C SER A 352 -0.58 5.85 -2.46
N ALA A 353 -1.62 6.24 -3.18
CA ALA A 353 -2.83 5.44 -3.27
C ALA A 353 -3.49 5.65 -4.62
N LYS A 354 -4.30 4.68 -5.03
CA LYS A 354 -5.03 4.77 -6.26
C LYS A 354 -6.45 4.78 -5.78
N LEU A 355 -7.14 5.90 -6.04
CA LEU A 355 -8.46 6.09 -5.48
C LEU A 355 -9.47 6.20 -6.59
N GLU A 356 -10.75 6.12 -6.22
CA GLU A 356 -11.81 6.34 -7.18
C GLU A 356 -13.02 6.77 -6.41
N VAL A 357 -13.88 7.52 -7.07
CA VAL A 357 -15.22 7.81 -6.55
C VAL A 357 -16.25 7.34 -7.58
N ARG A 358 -17.10 6.42 -7.17
CA ARG A 358 -18.17 5.99 -8.05
C ARG A 358 -19.19 7.12 -8.04
N LEU A 359 -19.69 7.50 -9.23
CA LEU A 359 -20.61 8.65 -9.36
C LEU A 359 -22.05 8.28 -9.66
N VAL A 360 -22.94 9.24 -9.35
CA VAL A 360 -24.35 9.13 -9.66
C VAL A 360 -24.75 10.44 -10.35
N PRO A 361 -25.92 10.48 -11.00
CA PRO A 361 -26.29 11.72 -11.69
C PRO A 361 -26.19 12.96 -10.78
N GLY A 362 -25.67 14.03 -11.37
CA GLY A 362 -25.37 15.29 -10.69
C GLY A 362 -23.87 15.49 -10.49
N LEU A 363 -23.10 14.39 -10.49
CA LEU A 363 -21.71 14.47 -10.14
C LEU A 363 -20.83 14.38 -11.37
N GLU A 364 -19.99 15.39 -11.60
CA GLU A 364 -19.12 15.41 -12.75
C GLU A 364 -17.69 15.11 -12.24
N PRO A 365 -16.94 14.22 -12.92
CA PRO A 365 -15.58 13.84 -12.48
C PRO A 365 -14.64 14.98 -12.01
N HIS A 366 -14.34 15.95 -12.87
CA HIS A 366 -13.40 17.02 -12.49
C HIS A 366 -13.91 17.79 -11.29
N ASP A 367 -15.20 18.03 -11.26
CA ASP A 367 -15.76 18.80 -10.17
C ASP A 367 -15.68 18.00 -8.89
N VAL A 368 -15.91 16.68 -8.96
CA VAL A 368 -15.83 15.85 -7.75
C VAL A 368 -14.42 15.92 -7.18
N LEU A 369 -13.43 15.84 -8.06
CA LEU A 369 -12.06 15.92 -7.61
C LEU A 369 -11.73 17.29 -6.98
N GLU A 370 -12.26 18.37 -7.52
CA GLU A 370 -11.99 19.72 -6.98
C GLU A 370 -12.62 19.90 -5.60
N LYS A 371 -13.79 19.32 -5.39
CA LYS A 371 -14.43 19.33 -4.06
C LYS A 371 -13.61 18.52 -3.03
N ILE A 372 -12.99 17.43 -3.50
CA ILE A 372 -12.13 16.65 -2.64
C ILE A 372 -10.83 17.41 -2.33
N ARG A 373 -10.27 18.15 -3.29
CA ARG A 373 -9.09 18.97 -3.06
C ARG A 373 -9.42 19.97 -1.97
N LYS A 374 -10.55 20.65 -2.15
CA LYS A 374 -10.97 21.67 -1.17
C LYS A 374 -11.18 21.14 0.22
N GLN A 375 -11.84 19.99 0.35
CA GLN A 375 -12.04 19.36 1.65
C GLN A 375 -10.70 18.91 2.25
N LEU A 376 -9.81 18.32 1.45
CA LEU A 376 -8.52 17.98 2.03
C LEU A 376 -7.78 19.19 2.56
N ASP A 377 -7.83 20.31 1.86
CA ASP A 377 -7.15 21.52 2.30
C ASP A 377 -7.81 22.05 3.56
N LYS A 378 -9.12 22.02 3.60
CA LYS A 378 -9.84 22.47 4.79
C LYS A 378 -9.54 21.57 6.02
N ASN A 379 -9.38 20.26 5.79
CA ASN A 379 -9.08 19.30 6.86
C ASN A 379 -7.64 19.40 7.37
N GLY A 380 -6.79 20.15 6.67
CA GLY A 380 -5.42 20.34 7.09
C GLY A 380 -4.48 19.40 6.36
N PHE A 381 -4.92 18.88 5.22
CA PHE A 381 -4.10 17.89 4.49
C PHE A 381 -3.74 18.41 3.11
N ASP A 382 -3.23 19.63 3.06
CA ASP A 382 -2.90 20.23 1.79
C ASP A 382 -1.70 19.56 1.12
N LYS A 383 -0.97 18.74 1.85
CA LYS A 383 0.21 18.10 1.26
C LYS A 383 -0.14 16.80 0.51
N VAL A 384 -1.43 16.47 0.49
CA VAL A 384 -1.87 15.36 -0.33
C VAL A 384 -2.04 15.88 -1.77
N GLU A 385 -1.22 15.35 -2.67
CA GLU A 385 -1.28 15.71 -4.06
C GLU A 385 -2.27 14.78 -4.77
N LEU A 386 -3.09 15.31 -5.68
CA LEU A 386 -4.12 14.52 -6.36
C LEU A 386 -3.85 14.61 -7.84
N TYR A 387 -4.01 13.52 -8.55
CA TYR A 387 -3.75 13.56 -9.98
C TYR A 387 -4.88 12.84 -10.73
N TYR A 388 -5.69 13.58 -11.49
CA TYR A 388 -6.82 13.02 -12.23
C TYR A 388 -6.36 12.03 -13.30
N THR A 389 -6.96 10.83 -13.31
CA THR A 389 -6.60 9.82 -14.32
C THR A 389 -7.71 9.46 -15.32
N LEU A 390 -8.95 9.30 -14.84
CA LEU A 390 -10.07 8.96 -15.72
C LEU A 390 -11.42 9.36 -15.12
N GLY A 391 -12.39 9.56 -16.01
CA GLY A 391 -13.76 9.95 -15.62
C GLY A 391 -14.78 9.50 -16.63
N GLU A 392 -15.96 9.08 -16.16
CA GLU A 392 -17.11 8.75 -16.99
C GLU A 392 -18.30 9.31 -16.26
N MET A 393 -19.18 9.95 -17.01
CA MET A 393 -20.37 10.56 -16.46
C MET A 393 -21.44 9.49 -16.22
N SER A 394 -22.31 9.70 -15.25
CA SER A 394 -23.44 8.81 -15.01
C SER A 394 -24.74 9.29 -15.67
N TYR A 395 -25.72 8.40 -15.77
CA TYR A 395 -27.01 8.67 -16.38
C TYR A 395 -28.05 7.72 -15.84
N ARG A 396 -29.26 8.22 -15.58
CA ARG A 396 -30.38 7.32 -15.32
C ARG A 396 -31.73 7.97 -15.62
N SER A 397 -32.77 7.15 -15.74
CA SER A 397 -34.13 7.68 -15.81
C SER A 397 -34.99 6.85 -14.93
N ASP A 398 -36.17 7.36 -14.61
CA ASP A 398 -37.10 6.63 -13.76
C ASP A 398 -37.93 5.61 -14.54
N MET A 399 -37.60 5.42 -15.81
CA MET A 399 -38.23 4.38 -16.62
C MET A 399 -39.72 4.67 -16.82
N SER A 400 -40.09 5.94 -16.82
CA SER A 400 -41.50 6.32 -17.00
C SER A 400 -41.82 6.82 -18.41
N ALA A 401 -40.82 6.97 -19.26
CA ALA A 401 -41.12 7.41 -20.63
C ALA A 401 -42.08 6.38 -21.23
N PRO A 402 -43.19 6.84 -21.83
CA PRO A 402 -44.12 5.88 -22.44
C PRO A 402 -43.46 4.89 -23.44
N ALA A 403 -42.41 5.30 -24.14
CA ALA A 403 -41.77 4.37 -25.08
C ALA A 403 -41.07 3.24 -24.32
N ILE A 404 -40.64 3.54 -23.10
CA ILE A 404 -39.96 2.55 -22.26
C ILE A 404 -41.01 1.66 -21.59
N LEU A 405 -42.10 2.28 -21.12
CA LEU A 405 -43.21 1.49 -20.58
C LEU A 405 -43.70 0.43 -21.59
N ASN A 406 -43.76 0.81 -22.87
CA ASN A 406 -44.15 -0.11 -23.92
C ASN A 406 -43.24 -1.33 -23.89
N VAL A 407 -41.93 -1.10 -23.89
CA VAL A 407 -40.99 -2.22 -23.87
C VAL A 407 -41.23 -3.14 -22.68
N ILE A 408 -41.49 -2.55 -21.53
CA ILE A 408 -41.65 -3.35 -20.32
C ILE A 408 -42.85 -4.29 -20.43
N GLU A 409 -43.96 -3.77 -20.93
CA GLU A 409 -45.18 -4.55 -21.05
C GLU A 409 -45.04 -5.65 -22.12
N LEU A 410 -44.39 -5.32 -23.21
CA LEU A 410 -44.12 -6.34 -24.25
C LEU A 410 -43.23 -7.47 -23.76
N ALA A 411 -42.18 -7.15 -23.00
CA ALA A 411 -41.23 -8.14 -22.47
C ALA A 411 -41.90 -9.18 -21.57
N LYS A 412 -42.89 -8.73 -20.80
CA LYS A 412 -43.58 -9.64 -19.94
C LYS A 412 -44.26 -10.76 -20.71
N LYS A 413 -44.55 -10.55 -21.98
CA LYS A 413 -45.20 -11.58 -22.75
C LYS A 413 -44.21 -12.66 -23.20
N PHE A 414 -42.92 -12.46 -22.94
CA PHE A 414 -41.87 -13.38 -23.47
C PHE A 414 -41.05 -14.12 -22.41
N TYR A 415 -41.11 -13.68 -21.16
CA TYR A 415 -40.25 -14.27 -20.12
C TYR A 415 -41.11 -14.75 -18.97
N PRO A 416 -41.18 -16.07 -18.80
CA PRO A 416 -41.98 -16.69 -17.76
C PRO A 416 -41.63 -16.21 -16.37
N GLN A 417 -40.36 -15.93 -16.10
CA GLN A 417 -39.97 -15.43 -14.77
C GLN A 417 -40.22 -13.92 -14.63
N GLY A 418 -40.69 -13.29 -15.70
CA GLY A 418 -40.95 -11.86 -15.65
C GLY A 418 -39.74 -11.02 -15.96
N VAL A 419 -39.83 -9.76 -15.55
CA VAL A 419 -38.79 -8.78 -15.87
C VAL A 419 -38.28 -8.18 -14.57
N SER A 420 -37.10 -7.57 -14.65
CA SER A 420 -36.49 -6.84 -13.54
C SER A 420 -36.19 -5.42 -14.08
N VAL A 421 -36.99 -4.44 -13.66
CA VAL A 421 -36.89 -3.06 -14.17
C VAL A 421 -36.07 -2.18 -13.25
N LEU A 422 -34.93 -1.72 -13.75
CA LEU A 422 -34.03 -0.91 -12.93
C LEU A 422 -33.64 0.41 -13.58
N PRO A 423 -33.80 1.54 -12.84
CA PRO A 423 -33.39 2.86 -13.31
C PRO A 423 -31.94 2.89 -13.78
N THR A 424 -31.08 2.12 -13.11
CA THR A 424 -29.68 2.07 -13.48
C THR A 424 -29.04 0.74 -13.11
N THR A 425 -27.99 0.36 -13.83
CA THR A 425 -27.19 -0.75 -13.38
C THR A 425 -26.04 -0.09 -12.64
N ALA A 426 -25.23 -0.87 -11.96
CA ALA A 426 -24.05 -0.32 -11.30
C ALA A 426 -22.81 -0.37 -12.21
N GLY A 427 -22.98 -0.70 -13.47
CA GLY A 427 -21.85 -0.66 -14.40
C GLY A 427 -21.57 0.76 -14.88
N THR A 428 -20.41 0.97 -15.50
CA THR A 428 -20.08 2.25 -16.10
C THR A 428 -20.29 2.06 -17.62
N GLY A 429 -20.57 3.11 -18.39
CA GLY A 429 -20.81 3.00 -19.84
C GLY A 429 -21.13 4.35 -20.44
N PRO A 430 -21.22 4.44 -21.78
CA PRO A 430 -21.45 5.71 -22.49
C PRO A 430 -22.88 6.27 -22.53
N MET A 431 -23.77 5.86 -21.61
CA MET A 431 -25.15 6.34 -21.71
C MET A 431 -25.24 7.85 -21.65
N HIS A 432 -24.49 8.46 -20.73
CA HIS A 432 -24.52 9.92 -20.64
C HIS A 432 -24.05 10.54 -21.94
N THR A 433 -22.96 10.04 -22.51
CA THR A 433 -22.52 10.59 -23.78
C THR A 433 -23.62 10.51 -24.85
N VAL A 434 -24.36 9.42 -24.88
CA VAL A 434 -25.33 9.23 -25.95
C VAL A 434 -26.52 10.15 -25.73
N PHE A 435 -26.99 10.20 -24.49
CA PHE A 435 -28.16 11.00 -24.24
C PHE A 435 -27.90 12.50 -24.44
N ASP A 436 -26.70 12.92 -24.08
CA ASP A 436 -26.33 14.32 -24.21
C ASP A 436 -26.37 14.78 -25.66
N ALA A 437 -25.91 13.92 -26.57
CA ALA A 437 -25.96 14.21 -28.00
C ALA A 437 -27.34 14.03 -28.64
N LEU A 438 -28.08 13.01 -28.22
CA LEU A 438 -29.30 12.61 -28.94
C LEU A 438 -30.61 12.90 -28.22
N GLU A 439 -30.57 12.95 -26.89
CA GLU A 439 -31.74 13.23 -26.05
C GLU A 439 -32.96 12.34 -26.26
N VAL A 440 -32.71 11.09 -26.62
CA VAL A 440 -33.77 10.11 -26.89
C VAL A 440 -33.87 9.16 -25.68
N PRO A 441 -35.10 8.80 -25.24
CA PRO A 441 -35.23 7.84 -24.13
C PRO A 441 -34.47 6.54 -24.40
N MET A 442 -33.74 6.03 -23.42
CA MET A 442 -32.91 4.84 -23.62
C MET A 442 -33.29 3.69 -22.71
N VAL A 443 -33.30 2.48 -23.28
CA VAL A 443 -33.62 1.29 -22.52
C VAL A 443 -32.66 0.20 -22.92
N ALA A 444 -32.18 -0.57 -21.95
CA ALA A 444 -31.27 -1.71 -22.29
C ALA A 444 -31.95 -3.03 -22.03
N PHE A 445 -31.96 -3.92 -23.03
CA PHE A 445 -32.40 -5.30 -22.79
C PHE A 445 -31.70 -6.11 -23.88
N GLY A 446 -31.57 -7.39 -23.65
CA GLY A 446 -30.78 -8.23 -24.65
C GLY A 446 -30.90 -9.70 -24.39
N LEU A 447 -29.97 -10.45 -24.97
CA LEU A 447 -30.02 -11.89 -25.04
C LEU A 447 -28.97 -12.61 -24.16
N GLY A 448 -28.33 -11.88 -23.25
CA GLY A 448 -27.37 -12.46 -22.33
C GLY A 448 -28.01 -13.25 -21.20
N ASN A 449 -27.21 -14.08 -20.52
CA ASN A 449 -27.62 -14.81 -19.32
C ASN A 449 -26.65 -14.41 -18.22
N ALA A 450 -27.06 -14.59 -16.95
CA ALA A 450 -26.18 -14.22 -15.82
C ALA A 450 -24.79 -14.86 -15.95
N ASN A 451 -24.67 -15.95 -16.67
CA ASN A 451 -23.36 -16.59 -16.78
C ASN A 451 -22.78 -16.54 -18.18
N SER A 452 -23.07 -15.46 -18.92
CA SER A 452 -22.55 -15.29 -20.30
C SER A 452 -21.03 -15.14 -20.39
N ARG A 453 -20.38 -14.77 -19.29
CA ARG A 453 -18.92 -14.65 -19.23
C ARG A 453 -18.38 -13.61 -20.23
N ASP A 454 -19.09 -12.49 -20.35
CA ASP A 454 -18.56 -11.40 -21.16
C ASP A 454 -17.18 -11.16 -20.64
N HIS A 455 -16.23 -10.90 -21.55
CA HIS A 455 -14.85 -10.57 -21.17
C HIS A 455 -14.11 -11.73 -20.53
N GLY A 456 -14.78 -12.88 -20.37
CA GLY A 456 -14.14 -14.07 -19.80
C GLY A 456 -14.02 -15.12 -20.88
N GLY A 457 -13.45 -16.28 -20.54
CA GLY A 457 -13.36 -17.41 -21.47
C GLY A 457 -14.70 -18.10 -21.68
N ASP A 458 -14.88 -18.74 -22.84
CA ASP A 458 -16.13 -19.41 -23.18
C ASP A 458 -17.33 -18.47 -22.94
N GLU A 459 -17.23 -17.24 -23.46
CA GLU A 459 -18.35 -16.28 -23.55
C GLU A 459 -19.44 -17.02 -24.33
N ASN A 460 -20.68 -16.90 -23.90
CA ASN A 460 -21.77 -17.71 -24.43
C ASN A 460 -23.15 -16.99 -24.35
N VAL A 461 -24.10 -17.46 -25.15
CA VAL A 461 -25.46 -17.00 -25.19
C VAL A 461 -26.31 -18.28 -25.31
N ARG A 462 -27.41 -18.37 -24.56
CA ARG A 462 -28.27 -19.53 -24.71
C ARG A 462 -29.02 -19.42 -26.05
N ILE A 463 -28.99 -20.47 -26.89
CA ILE A 463 -29.74 -20.41 -28.15
C ILE A 463 -31.21 -19.95 -27.99
N ALA A 464 -31.92 -20.49 -26.99
CA ALA A 464 -33.30 -20.05 -26.77
C ALA A 464 -33.38 -18.56 -26.43
N ASP A 465 -32.41 -18.06 -25.68
CA ASP A 465 -32.43 -16.62 -25.26
C ASP A 465 -32.24 -15.69 -26.47
N TYR A 466 -31.38 -16.13 -27.37
CA TYR A 466 -31.08 -15.44 -28.58
C TYR A 466 -32.34 -15.37 -29.42
N TYR A 467 -33.07 -16.48 -29.52
CA TYR A 467 -34.26 -16.50 -30.37
C TYR A 467 -35.36 -15.67 -29.71
N THR A 468 -35.37 -15.72 -28.39
CA THR A 468 -36.43 -14.97 -27.66
C THR A 468 -36.23 -13.44 -27.83
N HIS A 469 -34.97 -13.00 -27.82
CA HIS A 469 -34.68 -11.61 -28.08
C HIS A 469 -35.12 -11.23 -29.48
N ILE A 470 -34.89 -12.08 -30.48
CA ILE A 470 -35.41 -11.81 -31.82
C ILE A 470 -36.95 -11.56 -31.77
N GLU A 471 -37.67 -12.41 -31.03
CA GLU A 471 -39.12 -12.34 -31.05
C GLU A 471 -39.61 -11.07 -30.34
N LEU A 472 -38.91 -10.68 -29.28
CA LEU A 472 -39.27 -9.47 -28.53
C LEU A 472 -39.01 -8.26 -29.42
N VAL A 473 -37.86 -8.23 -30.12
CA VAL A 473 -37.58 -7.07 -30.95
C VAL A 473 -38.61 -6.97 -32.10
N GLU A 474 -39.04 -8.11 -32.64
CA GLU A 474 -39.99 -8.09 -33.73
C GLU A 474 -41.33 -7.58 -33.19
N GLU A 475 -41.65 -7.95 -31.97
CA GLU A 475 -42.90 -7.49 -31.35
C GLU A 475 -42.85 -5.99 -31.03
N LEU A 476 -41.68 -5.47 -30.68
CA LEU A 476 -41.48 -4.04 -30.46
C LEU A 476 -41.76 -3.29 -31.75
N ILE A 477 -41.22 -3.75 -32.86
CA ILE A 477 -41.54 -3.14 -34.15
C ILE A 477 -43.05 -3.18 -34.44
N ARG A 478 -43.69 -4.33 -34.22
CA ARG A 478 -45.11 -4.48 -34.53
C ARG A 478 -45.92 -3.51 -33.68
N SER A 479 -45.39 -3.16 -32.53
CA SER A 479 -46.15 -2.29 -31.59
C SER A 479 -46.32 -0.88 -32.15
N TYR A 480 -45.50 -0.53 -33.13
CA TYR A 480 -45.56 0.78 -33.78
C TYR A 480 -46.58 0.87 -34.90
N GLU A 481 -47.25 -0.24 -35.21
CA GLU A 481 -48.25 -0.24 -36.27
C GLU A 481 -49.47 0.56 -35.82
N VAL B 26 46.72 23.55 25.45
CA VAL B 26 45.70 23.09 26.46
C VAL B 26 44.91 21.87 25.97
N PHE B 27 44.35 21.95 24.74
CA PHE B 27 43.80 20.77 24.05
C PHE B 27 44.64 20.60 22.80
N PRO B 28 45.05 19.36 22.47
CA PRO B 28 45.86 19.35 21.25
C PRO B 28 45.00 19.59 20.01
N SER B 29 45.62 20.15 18.97
CA SER B 29 44.95 20.36 17.68
C SER B 29 44.75 19.03 16.97
N GLU B 30 43.89 19.07 15.97
CA GLU B 30 43.65 17.91 15.16
C GLU B 30 44.96 17.46 14.54
N GLN B 31 45.75 18.41 14.03
CA GLN B 31 47.02 18.09 13.35
C GLN B 31 47.99 17.31 14.30
N GLU B 32 48.06 17.72 15.56
CA GLU B 32 48.86 17.04 16.58
C GLU B 32 48.36 15.60 16.83
N GLN B 33 47.04 15.41 16.91
CA GLN B 33 46.45 14.11 17.13
C GLN B 33 46.83 13.12 16.01
N ILE B 34 46.73 13.56 14.77
CA ILE B 34 47.07 12.73 13.62
C ILE B 34 48.56 12.35 13.67
N GLU B 35 49.41 13.32 14.01
CA GLU B 35 50.84 13.06 14.15
C GLU B 35 51.13 12.08 15.29
N LYS B 36 50.49 12.26 16.46
CA LYS B 36 50.60 11.31 17.58
C LYS B 36 50.21 9.90 17.12
N PHE B 37 49.12 9.82 16.37
CA PHE B 37 48.61 8.56 15.88
C PHE B 37 49.65 7.91 14.96
N GLU B 38 50.20 8.70 14.04
CA GLU B 38 51.19 8.20 13.07
C GLU B 38 52.45 7.66 13.73
N LYS B 39 52.90 8.30 14.81
CA LYS B 39 54.13 7.94 15.52
C LYS B 39 54.00 6.95 16.68
N ASP B 40 52.78 6.48 16.92
CA ASP B 40 52.49 5.59 18.05
C ASP B 40 52.53 4.15 17.57
N HIS B 41 53.60 3.43 17.93
CA HIS B 41 53.79 2.06 17.45
C HIS B 41 52.66 1.13 17.85
N VAL B 42 52.12 1.29 19.06
CA VAL B 42 51.02 0.44 19.50
C VAL B 42 49.74 0.70 18.67
N ALA B 43 49.34 1.97 18.56
CA ALA B 43 48.20 2.36 17.72
C ALA B 43 48.37 1.87 16.28
N GLN B 44 49.57 2.05 15.75
CA GLN B 44 49.82 1.61 14.38
C GLN B 44 49.68 0.09 14.23
N HIS B 45 50.18 -0.65 15.21
CA HIS B 45 50.04 -2.10 15.23
C HIS B 45 48.56 -2.50 15.20
N TYR B 46 47.75 -1.90 16.06
CA TYR B 46 46.34 -2.32 16.08
C TYR B 46 45.54 -1.75 14.94
N PHE B 47 46.06 -0.71 14.29
CA PHE B 47 45.44 -0.17 13.08
C PHE B 47 45.56 -1.17 11.91
N GLU B 48 46.67 -1.90 11.85
CA GLU B 48 46.80 -2.97 10.86
C GLU B 48 45.91 -4.14 11.27
N VAL B 49 45.74 -4.35 12.57
CA VAL B 49 44.80 -5.37 13.02
C VAL B 49 43.38 -4.97 12.55
N LEU B 50 43.04 -3.68 12.68
CA LEU B 50 41.74 -3.18 12.21
C LEU B 50 41.57 -3.42 10.71
N ARG B 51 42.61 -3.14 9.94
CA ARG B 51 42.61 -3.40 8.50
C ARG B 51 42.14 -4.84 8.22
N THR B 52 42.74 -5.80 8.90
CA THR B 52 42.35 -7.22 8.81
C THR B 52 40.92 -7.48 9.29
N LEU B 53 40.54 -6.95 10.46
CA LEU B 53 39.16 -7.13 10.89
C LEU B 53 38.15 -6.66 9.83
N ILE B 54 38.36 -5.46 9.28
CA ILE B 54 37.44 -4.87 8.30
C ILE B 54 37.33 -5.77 7.05
N SER B 55 38.46 -6.33 6.62
CA SER B 55 38.51 -7.17 5.44
C SER B 55 37.72 -8.48 5.59
N LYS B 56 37.33 -8.81 6.83
CA LYS B 56 36.63 -10.06 7.07
C LYS B 56 35.19 -9.73 7.35
N LYS B 57 34.33 -10.00 6.37
CA LYS B 57 32.91 -9.73 6.50
C LYS B 57 32.31 -10.64 7.59
N SER B 58 31.61 -10.04 8.56
CA SER B 58 30.97 -10.77 9.66
C SER B 58 29.59 -10.23 9.88
N VAL B 59 28.60 -10.93 9.34
CA VAL B 59 27.22 -10.47 9.34
C VAL B 59 26.35 -11.59 9.89
N PHE B 60 25.63 -11.33 10.98
CA PHE B 60 24.86 -12.41 11.58
C PHE B 60 23.74 -12.91 10.68
N ALA B 61 23.03 -11.99 10.00
CA ALA B 61 21.86 -12.33 9.19
C ALA B 61 22.21 -13.25 8.02
N GLN B 62 23.44 -13.17 7.57
CA GLN B 62 23.93 -14.00 6.47
C GLN B 62 24.83 -15.16 6.95
N GLN B 63 24.99 -15.28 8.27
CA GLN B 63 25.90 -16.26 8.89
C GLN B 63 27.23 -16.40 8.17
N VAL B 64 27.84 -15.25 7.93
CA VAL B 64 29.10 -15.22 7.26
C VAL B 64 30.15 -14.67 8.20
N GLY B 65 31.28 -15.36 8.26
CA GLY B 65 32.44 -14.86 8.97
C GLY B 65 32.40 -14.84 10.47
N LEU B 66 31.34 -15.36 11.09
CA LEU B 66 31.21 -15.30 12.56
C LEU B 66 32.32 -16.07 13.31
N LYS B 67 32.46 -17.37 13.07
CA LYS B 67 33.55 -18.11 13.67
C LYS B 67 34.91 -17.57 13.22
N GLU B 68 35.02 -17.15 11.97
CA GLU B 68 36.31 -16.62 11.50
C GLU B 68 36.77 -15.37 12.27
N VAL B 69 35.86 -14.42 12.47
CA VAL B 69 36.25 -13.18 13.17
C VAL B 69 36.43 -13.42 14.66
N ALA B 70 35.55 -14.21 15.28
CA ALA B 70 35.67 -14.53 16.71
C ALA B 70 37.00 -15.21 17.01
N ASN B 71 37.36 -16.22 16.22
CA ASN B 71 38.65 -16.87 16.37
C ASN B 71 39.84 -15.93 16.21
N TYR B 72 39.78 -15.04 15.22
CA TYR B 72 40.87 -14.09 14.99
C TYR B 72 41.05 -13.14 16.17
N LEU B 73 39.94 -12.62 16.69
CA LEU B 73 39.97 -11.76 17.90
C LEU B 73 40.50 -12.53 19.10
N GLY B 74 40.01 -13.75 19.28
CA GLY B 74 40.51 -14.61 20.33
C GLY B 74 42.02 -14.60 20.34
N GLU B 75 42.61 -14.80 19.18
CA GLU B 75 44.08 -14.90 19.06
C GLU B 75 44.81 -13.58 19.30
N ILE B 76 44.22 -12.48 18.84
CA ILE B 76 44.81 -11.17 19.00
C ILE B 76 44.94 -10.88 20.48
N PHE B 77 43.89 -11.17 21.23
CA PHE B 77 43.90 -10.94 22.67
C PHE B 77 44.76 -11.96 23.41
N LYS B 78 44.70 -13.22 23.01
CA LYS B 78 45.56 -14.24 23.64
C LYS B 78 47.07 -13.90 23.55
N ARG B 79 47.49 -13.38 22.41
CA ARG B 79 48.89 -13.02 22.13
C ARG B 79 49.48 -12.05 23.13
N VAL B 80 48.64 -11.15 23.64
CA VAL B 80 49.10 -10.14 24.59
C VAL B 80 48.85 -10.55 26.04
N GLY B 81 48.62 -11.84 26.25
CA GLY B 81 48.54 -12.36 27.61
C GLY B 81 47.19 -12.40 28.29
N ALA B 82 46.13 -12.07 27.56
CA ALA B 82 44.77 -12.15 28.13
C ALA B 82 44.38 -13.63 28.33
N GLU B 83 43.54 -13.87 29.31
CA GLU B 83 42.91 -15.17 29.46
C GLU B 83 41.64 -15.14 28.59
N VAL B 84 41.63 -15.95 27.53
CA VAL B 84 40.60 -15.90 26.51
C VAL B 84 39.71 -17.15 26.49
N GLU B 85 38.40 -16.93 26.35
CA GLU B 85 37.43 -17.99 26.22
C GLU B 85 36.57 -17.65 25.02
N ILE B 86 36.53 -18.56 24.05
CA ILE B 86 35.62 -18.41 22.91
C ILE B 86 34.53 -19.45 23.08
N ASP B 87 33.34 -19.03 23.49
CA ASP B 87 32.22 -19.93 23.65
C ASP B 87 31.44 -20.02 22.34
N GLU B 88 31.44 -21.19 21.71
CA GLU B 88 30.71 -21.39 20.44
C GLU B 88 29.37 -22.11 20.63
N SER B 89 28.75 -21.97 21.80
CA SER B 89 27.47 -22.65 22.06
C SER B 89 26.33 -22.25 21.14
N TYR B 90 26.22 -20.97 20.82
CA TYR B 90 25.17 -20.49 19.93
C TYR B 90 25.70 -20.00 18.60
N THR B 91 24.82 -19.50 17.73
CA THR B 91 25.22 -19.21 16.37
C THR B 91 26.44 -18.29 16.25
N ALA B 92 26.42 -17.18 17.00
CA ALA B 92 27.57 -16.29 17.02
C ALA B 92 28.36 -16.55 18.27
N PRO B 93 29.63 -16.96 18.14
CA PRO B 93 30.50 -17.21 19.27
C PRO B 93 30.73 -15.98 20.13
N PHE B 94 30.77 -16.21 21.42
CA PHE B 94 30.94 -15.16 22.40
C PHE B 94 32.39 -15.19 22.88
N VAL B 95 33.09 -14.06 22.72
CA VAL B 95 34.51 -14.01 23.06
C VAL B 95 34.71 -13.19 24.30
N MET B 96 35.46 -13.72 25.26
CA MET B 96 35.79 -12.98 26.48
C MET B 96 37.30 -12.97 26.63
N ALA B 97 37.86 -11.82 26.98
CA ALA B 97 39.28 -11.66 27.18
C ALA B 97 39.50 -10.92 28.52
N HIS B 98 40.14 -11.58 29.48
CA HIS B 98 40.38 -11.01 30.82
C HIS B 98 41.84 -10.67 31.04
N PHE B 99 42.09 -9.42 31.45
CA PHE B 99 43.42 -8.96 31.82
C PHE B 99 43.41 -8.70 33.34
N LYS B 100 44.35 -9.29 34.06
CA LYS B 100 44.38 -9.22 35.50
C LYS B 100 45.30 -8.15 36.01
N SER B 101 44.91 -7.54 37.11
CA SER B 101 45.75 -6.64 37.85
C SER B 101 46.32 -7.46 39.02
N SER B 102 47.53 -7.14 39.49
CA SER B 102 48.08 -7.80 40.72
C SER B 102 47.58 -7.15 41.99
N ARG B 103 47.14 -5.91 41.89
CA ARG B 103 46.60 -5.22 43.04
C ARG B 103 45.52 -6.10 43.70
N PRO B 104 45.65 -6.35 45.02
CA PRO B 104 44.74 -7.34 45.60
C PRO B 104 43.26 -6.91 45.75
N ASP B 105 42.99 -5.66 46.10
CA ASP B 105 41.59 -5.18 46.14
C ASP B 105 41.26 -4.37 44.87
N ALA B 106 41.79 -4.83 43.74
CA ALA B 106 41.57 -4.16 42.46
C ALA B 106 40.12 -4.25 42.05
N LYS B 107 39.60 -3.18 41.46
CA LYS B 107 38.22 -3.19 40.95
C LYS B 107 38.26 -3.83 39.57
N THR B 108 37.11 -3.93 38.91
CA THR B 108 37.06 -4.45 37.53
C THR B 108 36.33 -3.50 36.59
N LEU B 109 36.87 -3.39 35.38
CA LEU B 109 36.30 -2.58 34.33
C LEU B 109 35.99 -3.51 33.15
N ILE B 110 34.80 -3.35 32.56
CA ILE B 110 34.36 -4.21 31.47
C ILE B 110 34.14 -3.35 30.22
N PHE B 111 34.60 -3.85 29.07
CA PHE B 111 34.23 -3.27 27.77
C PHE B 111 33.32 -4.23 26.98
N TYR B 112 32.14 -3.77 26.61
CA TYR B 112 31.24 -4.53 25.74
C TYR B 112 31.42 -4.03 24.30
N ASN B 113 31.56 -4.95 23.36
CA ASN B 113 31.73 -4.62 21.94
C ASN B 113 31.13 -5.73 21.12
N HIS B 114 30.89 -5.50 19.84
CA HIS B 114 30.44 -6.57 18.94
C HIS B 114 31.28 -6.63 17.67
N TYR B 115 31.50 -7.83 17.17
CA TYR B 115 32.34 -8.00 15.97
C TYR B 115 31.54 -8.22 14.67
N ASP B 116 30.22 -8.34 14.76
CA ASP B 116 29.38 -8.38 13.58
C ASP B 116 28.97 -6.96 13.14
N THR B 117 28.68 -6.80 11.85
CA THR B 117 28.26 -5.53 11.24
C THR B 117 26.99 -5.74 10.42
N VAL B 118 26.42 -4.67 9.85
CA VAL B 118 25.34 -4.84 8.87
C VAL B 118 26.02 -5.09 7.51
N PRO B 119 25.28 -5.53 6.48
CA PRO B 119 25.99 -5.72 5.18
C PRO B 119 26.35 -4.39 4.50
N ALA B 120 27.15 -4.47 3.44
CA ALA B 120 27.57 -3.29 2.65
C ALA B 120 26.35 -2.68 1.97
N ASP B 121 25.64 -3.54 1.23
CA ASP B 121 24.32 -3.30 0.59
C ASP B 121 24.21 -2.68 -0.82
N GLY B 122 22.96 -2.44 -1.23
CA GLY B 122 22.64 -2.08 -2.61
C GLY B 122 22.67 -0.62 -3.00
N ASP B 123 21.72 0.14 -2.45
CA ASP B 123 21.54 1.58 -2.74
C ASP B 123 22.71 2.42 -2.22
N GLN B 124 23.44 1.85 -1.27
CA GLN B 124 24.54 2.52 -0.59
C GLN B 124 25.70 2.85 -1.51
N VAL B 125 26.18 4.08 -1.38
CA VAL B 125 27.30 4.54 -2.18
C VAL B 125 28.62 4.36 -1.42
N TRP B 126 29.48 3.54 -2.00
CA TRP B 126 30.79 3.28 -1.43
C TRP B 126 31.88 3.76 -2.38
N THR B 127 32.68 4.72 -1.93
CA THR B 127 33.77 5.26 -2.71
C THR B 127 34.84 4.18 -2.97
N GLU B 128 35.26 3.46 -1.93
CA GLU B 128 36.17 2.33 -2.11
C GLU B 128 35.50 1.06 -1.56
N ASP B 129 36.05 -0.13 -1.85
CA ASP B 129 35.43 -1.39 -1.41
C ASP B 129 35.10 -1.31 0.09
N PRO B 130 33.83 -1.64 0.48
CA PRO B 130 33.38 -1.58 1.90
C PRO B 130 34.21 -2.44 2.85
N PHE B 131 34.81 -3.51 2.34
CA PHE B 131 35.56 -4.40 3.18
C PHE B 131 37.05 -4.22 2.98
N THR B 132 37.43 -3.00 2.61
CA THR B 132 38.82 -2.61 2.54
C THR B 132 38.94 -1.28 3.30
N LEU B 133 39.57 -1.29 4.46
CA LEU B 133 39.84 -0.04 5.22
C LEU B 133 40.56 0.99 4.33
N SER B 134 39.95 2.14 4.13
CA SER B 134 40.50 3.17 3.25
C SER B 134 40.67 4.49 4.00
N VAL B 135 41.83 5.12 3.89
CA VAL B 135 42.07 6.39 4.56
C VAL B 135 42.08 7.57 3.58
N ARG B 136 41.18 8.54 3.76
CA ARG B 136 41.15 9.67 2.83
C ARG B 136 40.86 10.92 3.61
N ASN B 137 41.64 11.96 3.38
CA ASN B 137 41.32 13.29 3.96
C ASN B 137 41.25 13.30 5.47
N GLY B 138 42.01 12.42 6.12
CA GLY B 138 41.98 12.39 7.58
C GLY B 138 40.85 11.59 8.19
N PHE B 139 40.14 10.82 7.37
CA PHE B 139 39.11 9.88 7.80
C PHE B 139 39.48 8.48 7.37
N MET B 140 39.06 7.49 8.14
CA MET B 140 39.14 6.09 7.74
C MET B 140 37.71 5.62 7.40
N TYR B 141 37.60 4.86 6.31
CA TYR B 141 36.35 4.37 5.73
C TYR B 141 36.35 2.86 5.64
N GLY B 142 35.21 2.24 5.95
CA GLY B 142 35.11 0.79 5.90
C GLY B 142 33.90 0.37 6.69
N ARG B 143 33.25 -0.73 6.29
CA ARG B 143 32.12 -1.30 7.02
C ARG B 143 32.64 -1.85 8.35
N GLY B 144 32.16 -1.29 9.44
CA GLY B 144 32.67 -1.62 10.76
C GLY B 144 33.71 -0.70 11.37
N VAL B 145 34.14 0.39 10.72
CA VAL B 145 35.17 1.18 11.33
C VAL B 145 34.61 1.90 12.55
N ASP B 146 33.35 2.28 12.43
CA ASP B 146 32.67 2.94 13.55
C ASP B 146 31.90 1.88 14.36
N ASP B 147 30.97 1.19 13.70
CA ASP B 147 30.12 0.18 14.33
C ASP B 147 30.46 -1.24 13.85
N ASP B 148 31.32 -1.99 14.56
CA ASP B 148 31.89 -1.61 15.86
C ASP B 148 33.35 -2.03 16.00
N LYS B 149 33.95 -2.51 14.90
CA LYS B 149 35.33 -3.03 14.96
C LYS B 149 36.39 -2.01 15.37
N GLY B 150 36.28 -0.78 14.90
CA GLY B 150 37.20 0.27 15.28
C GLY B 150 37.24 0.50 16.78
N HIS B 151 36.09 0.38 17.45
CA HIS B 151 36.06 0.55 18.91
C HIS B 151 36.86 -0.54 19.60
N ILE B 152 36.84 -1.74 19.04
CA ILE B 152 37.59 -2.83 19.62
C ILE B 152 39.08 -2.57 19.59
N THR B 153 39.63 -2.31 18.37
CA THR B 153 41.06 -2.00 18.25
C THR B 153 41.52 -0.76 19.01
N ALA B 154 40.73 0.31 19.02
CA ALA B 154 41.11 1.48 19.79
C ALA B 154 41.22 1.17 21.29
N ARG B 155 40.27 0.41 21.84
CA ARG B 155 40.32 0.07 23.27
C ARG B 155 41.47 -0.92 23.61
N LEU B 156 41.74 -1.89 22.76
CA LEU B 156 42.89 -2.70 23.06
C LEU B 156 44.14 -1.83 22.96
N SER B 157 44.17 -0.85 22.06
CA SER B 157 45.33 0.06 21.93
C SER B 157 45.57 0.84 23.17
N ALA B 158 44.48 1.34 23.76
CA ALA B 158 44.58 2.10 24.99
C ALA B 158 45.16 1.27 26.11
N LEU B 159 44.77 -0.02 26.20
CA LEU B 159 45.23 -0.88 27.30
C LEU B 159 46.72 -1.11 27.10
N ARG B 160 47.07 -1.50 25.89
CA ARG B 160 48.45 -1.77 25.57
C ARG B 160 49.39 -0.55 25.64
N LYS B 161 48.88 0.63 25.30
CA LYS B 161 49.62 1.88 25.43
C LYS B 161 49.94 2.12 26.89
N TYR B 162 48.94 1.97 27.76
CA TYR B 162 49.12 2.08 29.21
C TYR B 162 50.22 1.12 29.69
N MET B 163 50.18 -0.09 29.18
CA MET B 163 51.16 -1.13 29.56
C MET B 163 52.60 -0.82 29.11
N GLN B 164 52.75 0.15 28.23
CA GLN B 164 54.09 0.56 27.77
C GLN B 164 54.78 1.37 28.81
N HIS B 165 53.99 1.95 29.72
CA HIS B 165 54.51 2.94 30.66
C HIS B 165 54.38 2.58 32.12
N HIS B 166 53.75 1.45 32.43
CA HIS B 166 53.49 1.02 33.80
C HIS B 166 53.75 -0.46 33.91
N ASP B 167 54.03 -0.94 35.13
CA ASP B 167 54.36 -2.36 35.28
C ASP B 167 53.14 -3.26 35.23
N ASP B 168 52.03 -2.78 35.80
CA ASP B 168 50.84 -3.61 35.90
C ASP B 168 49.59 -2.74 35.77
N LEU B 169 48.47 -3.37 35.42
CA LEU B 169 47.19 -2.69 35.36
C LEU B 169 46.76 -2.44 36.80
N PRO B 170 46.19 -1.28 37.05
CA PRO B 170 45.67 -0.88 38.36
C PRO B 170 44.23 -1.36 38.62
N VAL B 171 43.65 -2.01 37.61
CA VAL B 171 42.24 -2.46 37.59
C VAL B 171 42.17 -3.69 36.68
N ASN B 172 41.36 -4.67 37.07
CA ASN B 172 41.13 -5.81 36.20
C ASN B 172 40.33 -5.32 34.99
N ILE B 173 40.61 -5.85 33.81
CA ILE B 173 39.84 -5.41 32.62
C ILE B 173 39.34 -6.59 31.83
N SER B 174 38.03 -6.62 31.54
CA SER B 174 37.45 -7.68 30.75
C SER B 174 36.87 -7.14 29.46
N PHE B 175 37.17 -7.80 28.35
CA PHE B 175 36.52 -7.43 27.10
C PHE B 175 35.48 -8.52 26.84
N ILE B 176 34.23 -8.13 26.56
CA ILE B 176 33.22 -9.07 26.10
C ILE B 176 32.78 -8.67 24.70
N MET B 177 32.89 -9.62 23.75
CA MET B 177 32.61 -9.34 22.37
C MET B 177 31.61 -10.37 21.84
N GLU B 178 30.43 -9.90 21.41
CA GLU B 178 29.41 -10.78 20.83
C GLU B 178 29.32 -10.57 19.33
N GLY B 179 28.69 -11.52 18.64
CA GLY B 179 28.56 -11.44 17.19
C GLY B 179 27.15 -11.41 16.66
N ALA B 180 26.18 -10.97 17.44
CA ALA B 180 24.82 -10.91 16.91
C ALA B 180 24.11 -9.60 17.27
N GLU B 181 24.90 -8.57 17.55
CA GLU B 181 24.29 -7.31 18.05
C GLU B 181 23.38 -6.70 17.01
N GLU B 182 23.71 -6.82 15.72
CA GLU B 182 22.87 -6.20 14.68
C GLU B 182 21.57 -6.97 14.40
N SER B 183 21.47 -8.14 15.00
CA SER B 183 20.30 -8.99 14.90
C SER B 183 19.70 -9.13 16.30
N ALA B 184 19.59 -8.00 16.99
CA ALA B 184 19.01 -8.00 18.33
C ALA B 184 19.70 -8.90 19.36
N SER B 185 21.00 -9.11 19.20
CA SER B 185 21.76 -9.82 20.23
C SER B 185 21.22 -11.22 20.54
N THR B 186 20.86 -11.94 19.49
CA THR B 186 20.39 -13.31 19.66
C THR B 186 21.32 -14.13 20.56
N ASP B 187 20.76 -14.71 21.61
CA ASP B 187 21.44 -15.56 22.59
C ASP B 187 22.46 -14.87 23.51
N LEU B 188 22.60 -13.55 23.37
CA LEU B 188 23.45 -12.81 24.33
C LEU B 188 23.07 -13.15 25.76
N ASP B 189 21.77 -13.16 26.04
CA ASP B 189 21.25 -13.44 27.39
C ASP B 189 21.77 -14.76 27.94
N LYS B 190 21.84 -15.77 27.07
CA LYS B 190 22.29 -17.08 27.50
C LYS B 190 23.79 -17.09 27.75
N TYR B 191 24.55 -16.40 26.91
CA TYR B 191 25.99 -16.34 27.13
C TYR B 191 26.30 -15.59 28.43
N LEU B 192 25.56 -14.54 28.72
CA LEU B 192 25.84 -13.79 29.95
C LEU B 192 25.45 -14.56 31.21
N GLU B 193 24.46 -15.43 31.08
CA GLU B 193 24.01 -16.25 32.20
C GLU B 193 25.11 -17.25 32.54
N LYS B 194 25.67 -17.81 31.48
CA LYS B 194 26.67 -18.83 31.59
C LYS B 194 27.97 -18.27 32.16
N HIS B 195 28.31 -17.04 31.80
CA HIS B 195 29.61 -16.49 32.17
C HIS B 195 29.53 -15.38 33.21
N ALA B 196 28.34 -15.18 33.77
CA ALA B 196 28.09 -14.12 34.76
C ALA B 196 29.01 -14.12 35.98
N ASP B 197 29.47 -15.31 36.42
CA ASP B 197 30.42 -15.45 37.53
C ASP B 197 31.79 -14.75 37.30
N LYS B 198 32.23 -14.69 36.05
CA LYS B 198 33.48 -14.00 35.72
C LYS B 198 33.27 -12.49 35.55
N LEU B 199 32.02 -12.02 35.53
CA LEU B 199 31.75 -10.63 35.15
C LEU B 199 31.05 -9.79 36.21
N ARG B 200 30.16 -10.40 36.98
CA ARG B 200 29.44 -9.65 37.98
C ARG B 200 30.42 -9.03 38.99
N GLY B 201 30.02 -7.92 39.59
CA GLY B 201 30.88 -7.29 40.58
C GLY B 201 31.76 -6.16 40.04
N ALA B 202 31.77 -5.94 38.72
CA ALA B 202 32.59 -4.88 38.13
C ALA B 202 32.14 -3.47 38.53
N ASP B 203 33.06 -2.52 38.42
CA ASP B 203 32.82 -1.15 38.84
C ASP B 203 32.06 -0.33 37.77
N LEU B 204 32.33 -0.65 36.51
CA LEU B 204 31.80 0.12 35.42
C LEU B 204 31.82 -0.74 34.15
N LEU B 205 30.82 -0.61 33.29
CA LEU B 205 30.87 -1.26 31.95
C LEU B 205 30.78 -0.18 30.86
N VAL B 206 31.76 -0.20 29.94
CA VAL B 206 31.78 0.74 28.85
C VAL B 206 31.09 0.13 27.66
N TRP B 207 30.10 0.85 27.12
CA TRP B 207 29.23 0.36 26.07
C TRP B 207 29.98 0.30 24.74
N GLU B 208 29.34 -0.26 23.74
CA GLU B 208 29.99 -0.65 22.49
C GLU B 208 30.47 0.50 21.58
N GLN B 209 29.79 1.62 21.60
CA GLN B 209 30.17 2.73 20.75
C GLN B 209 29.57 4.02 21.26
N GLY B 210 30.00 5.12 20.69
CA GLY B 210 29.45 6.44 21.04
C GLY B 210 29.91 7.43 19.99
N THR B 211 29.26 8.59 19.93
CA THR B 211 29.60 9.55 18.90
C THR B 211 29.79 10.97 19.45
N LYS B 212 30.40 11.84 18.66
CA LYS B 212 30.39 13.28 18.94
C LYS B 212 29.11 13.77 18.28
N ASN B 213 28.46 14.81 18.81
CA ASN B 213 27.26 15.31 18.17
C ASN B 213 27.68 16.33 17.11
N ALA B 214 26.71 16.96 16.45
CA ALA B 214 27.01 17.90 15.36
C ALA B 214 27.84 19.10 15.79
N LEU B 215 27.84 19.40 17.09
CA LEU B 215 28.64 20.50 17.63
C LEU B 215 29.98 20.01 18.21
N GLU B 216 30.37 18.78 17.86
CA GLU B 216 31.65 18.21 18.32
C GLU B 216 31.80 17.96 19.82
N GLN B 217 30.67 17.88 20.52
CA GLN B 217 30.66 17.53 21.91
C GLN B 217 30.57 16.03 22.04
N LEU B 218 31.38 15.44 22.91
CA LEU B 218 31.34 13.99 23.11
C LEU B 218 30.05 13.57 23.79
N GLU B 219 29.23 12.76 23.13
CA GLU B 219 28.03 12.24 23.81
C GLU B 219 28.40 11.13 24.77
N ILE B 220 27.94 11.29 26.02
CA ILE B 220 28.14 10.32 27.06
C ILE B 220 26.74 9.94 27.50
N SER B 221 26.33 8.68 27.24
CA SER B 221 24.95 8.30 27.50
C SER B 221 24.83 7.03 28.29
N GLY B 222 23.67 6.83 28.88
CA GLY B 222 23.49 5.69 29.76
C GLY B 222 22.23 4.89 29.56
N GLY B 223 21.67 4.88 28.36
CA GLY B 223 20.47 4.08 28.10
C GLY B 223 20.26 3.81 26.62
N ASN B 224 19.35 2.89 26.33
CA ASN B 224 18.93 2.59 24.96
C ASN B 224 17.44 2.54 25.04
N LYS B 225 16.73 3.06 24.04
CA LYS B 225 15.31 2.82 24.05
C LYS B 225 15.09 1.40 23.52
N GLY B 226 13.89 0.87 23.73
CA GLY B 226 13.54 -0.46 23.27
C GLY B 226 12.62 -0.44 22.07
N ILE B 227 12.14 -1.61 21.68
CA ILE B 227 11.30 -1.74 20.50
C ILE B 227 10.48 -3.03 20.55
N VAL B 228 9.28 -2.95 19.98
CA VAL B 228 8.50 -4.13 19.67
C VAL B 228 8.04 -3.94 18.23
N THR B 229 8.41 -4.85 17.33
CA THR B 229 7.95 -4.78 15.96
C THR B 229 7.00 -5.96 15.71
N PHE B 230 6.05 -5.76 14.80
CA PHE B 230 4.99 -6.74 14.52
C PHE B 230 4.30 -6.46 13.20
N ASP B 231 3.80 -7.52 12.57
CA ASP B 231 3.00 -7.44 11.35
C ASP B 231 1.51 -7.26 11.76
N ALA B 232 0.77 -6.42 11.06
CA ALA B 232 -0.69 -6.38 11.17
C ALA B 232 -1.30 -6.76 9.82
N LYS B 233 -2.31 -7.62 9.81
CA LYS B 233 -2.93 -8.02 8.53
C LYS B 233 -4.44 -8.10 8.65
N VAL B 234 -5.12 -7.78 7.55
CA VAL B 234 -6.55 -7.91 7.48
C VAL B 234 -6.97 -8.66 6.23
N LYS B 235 -7.81 -9.68 6.38
CA LYS B 235 -8.45 -10.32 5.23
C LYS B 235 -9.95 -9.97 5.28
N SER B 236 -10.46 -9.29 4.27
CA SER B 236 -11.86 -8.80 4.35
C SER B 236 -12.83 -9.65 3.53
N ALA B 237 -12.29 -10.48 2.64
CA ALA B 237 -13.11 -11.31 1.76
C ALA B 237 -12.22 -12.41 1.13
N ASP B 238 -12.82 -13.39 0.48
CA ASP B 238 -12.09 -14.46 -0.20
C ASP B 238 -11.39 -13.94 -1.45
N VAL B 239 -11.95 -12.91 -2.06
CA VAL B 239 -11.44 -12.41 -3.33
C VAL B 239 -11.58 -10.87 -3.43
N ASP B 240 -10.78 -10.26 -4.31
CA ASP B 240 -10.90 -8.86 -4.69
C ASP B 240 -12.23 -8.73 -5.41
N ILE B 241 -13.04 -7.77 -4.98
CA ILE B 241 -14.39 -7.52 -5.48
C ILE B 241 -14.43 -6.29 -6.43
N HIS B 242 -15.29 -6.31 -7.45
CA HIS B 242 -15.40 -5.16 -8.35
C HIS B 242 -15.75 -3.93 -7.49
N SER B 243 -15.13 -2.77 -7.73
CA SER B 243 -15.32 -1.63 -6.82
C SER B 243 -16.67 -0.93 -6.91
N SER B 244 -17.51 -1.36 -7.83
CA SER B 244 -18.88 -0.89 -7.88
C SER B 244 -19.60 -1.23 -6.59
N TYR B 245 -19.09 -2.20 -5.82
CA TYR B 245 -19.68 -2.57 -4.52
C TYR B 245 -19.17 -1.74 -3.36
N GLY B 246 -18.31 -0.78 -3.66
CA GLY B 246 -17.59 -0.03 -2.64
C GLY B 246 -18.43 0.74 -1.62
N GLY B 247 -19.71 0.96 -1.94
CA GLY B 247 -20.61 1.67 -0.99
C GLY B 247 -21.26 0.71 -0.02
N VAL B 248 -21.21 -0.59 -0.32
CA VAL B 248 -21.87 -1.56 0.56
C VAL B 248 -20.94 -2.61 1.18
N VAL B 249 -19.85 -2.94 0.49
CA VAL B 249 -18.88 -3.90 1.00
C VAL B 249 -17.64 -3.18 1.55
N GLU B 250 -17.22 -3.50 2.78
CA GLU B 250 -16.04 -2.90 3.39
C GLU B 250 -14.79 -3.59 2.83
N SER B 251 -13.76 -2.81 2.56
CA SER B 251 -12.55 -3.38 2.00
C SER B 251 -11.49 -3.51 3.10
N ALA B 252 -10.49 -4.35 2.83
CA ALA B 252 -9.39 -4.52 3.78
C ALA B 252 -8.60 -3.24 4.10
N PRO B 253 -8.21 -2.44 3.08
CA PRO B 253 -7.45 -1.22 3.34
C PRO B 253 -8.24 -0.20 4.17
N TRP B 254 -9.54 -0.03 3.94
CA TRP B 254 -10.29 0.92 4.80
C TRP B 254 -10.34 0.46 6.24
N TYR B 255 -10.61 -0.82 6.45
CA TYR B 255 -10.67 -1.40 7.78
C TYR B 255 -9.34 -1.20 8.52
N LEU B 256 -8.24 -1.51 7.86
CA LEU B 256 -6.94 -1.33 8.47
C LEU B 256 -6.60 0.12 8.73
N LEU B 257 -6.87 1.04 7.80
CA LEU B 257 -6.58 2.46 8.08
C LEU B 257 -7.39 2.93 9.28
N GLN B 258 -8.65 2.51 9.34
CA GLN B 258 -9.51 2.85 10.48
C GLN B 258 -8.95 2.30 11.80
N ALA B 259 -8.48 1.05 11.79
CA ALA B 259 -7.88 0.42 12.97
C ALA B 259 -6.63 1.18 13.43
N LEU B 260 -5.74 1.49 12.48
CA LEU B 260 -4.49 2.15 12.83
C LEU B 260 -4.78 3.54 13.36
N GLN B 261 -5.68 4.25 12.69
CA GLN B 261 -6.02 5.60 13.17
C GLN B 261 -6.63 5.64 14.57
N SER B 262 -7.38 4.60 14.96
CA SER B 262 -7.99 4.55 16.31
C SER B 262 -6.94 4.45 17.42
N LEU B 263 -5.72 4.00 17.08
CA LEU B 263 -4.61 3.83 18.06
C LEU B 263 -3.65 5.00 18.23
N ARG B 264 -3.78 6.04 17.42
CA ARG B 264 -2.84 7.12 17.48
C ARG B 264 -3.53 8.47 17.33
N ALA B 265 -3.29 9.37 18.27
CA ALA B 265 -3.83 10.73 18.22
C ALA B 265 -3.05 11.55 17.20
N ALA B 266 -3.63 12.69 16.78
CA ALA B 266 -2.99 13.57 15.81
C ALA B 266 -1.59 14.07 16.25
N ASP B 267 -1.39 14.19 17.56
CA ASP B 267 -0.11 14.64 18.08
C ASP B 267 0.88 13.50 18.37
N GLY B 268 0.61 12.29 17.87
CA GLY B 268 1.45 11.13 18.16
C GLY B 268 1.18 10.34 19.45
N ARG B 269 0.35 10.86 20.35
CA ARG B 269 0.06 10.08 21.53
C ARG B 269 -0.63 8.76 21.21
N ILE B 270 -0.23 7.69 21.90
CA ILE B 270 -0.74 6.35 21.60
C ILE B 270 -2.04 6.15 22.37
N LEU B 271 -3.11 5.73 21.70
CA LEU B 271 -4.40 5.60 22.38
C LEU B 271 -4.64 4.16 22.73
N VAL B 272 -3.96 3.69 23.76
CA VAL B 272 -4.02 2.33 24.24
C VAL B 272 -4.09 2.33 25.75
N GLU B 273 -5.19 1.79 26.28
CA GLU B 273 -5.40 1.74 27.74
C GLU B 273 -4.35 0.92 28.46
N GLY B 274 -3.88 1.43 29.58
CA GLY B 274 -2.89 0.74 30.40
C GLY B 274 -1.44 0.81 29.92
N LEU B 275 -1.20 1.47 28.78
CA LEU B 275 0.17 1.62 28.25
C LEU B 275 1.01 2.66 29.03
N TYR B 276 0.55 3.90 29.05
CA TYR B 276 1.27 4.97 29.74
C TYR B 276 1.39 4.74 31.24
N GLU B 277 0.43 4.03 31.80
CA GLU B 277 0.46 3.62 33.21
C GLU B 277 1.74 2.87 33.59
N GLU B 278 2.34 2.16 32.63
CA GLU B 278 3.53 1.35 32.90
C GLU B 278 4.83 2.13 32.68
N VAL B 279 4.73 3.33 32.13
CA VAL B 279 5.89 4.15 31.82
C VAL B 279 6.53 4.69 33.09
N GLN B 280 7.83 4.49 33.26
CA GLN B 280 8.55 5.07 34.38
C GLN B 280 8.85 6.54 34.10
N GLU B 281 8.33 7.43 34.92
CA GLU B 281 8.60 8.85 34.64
C GLU B 281 10.06 9.18 34.87
N PRO B 282 10.59 10.11 34.07
CA PRO B 282 11.96 10.58 34.30
C PRO B 282 12.09 11.34 35.60
N ASN B 283 13.19 11.16 36.33
CA ASN B 283 13.39 11.91 37.58
C ASN B 283 13.91 13.32 37.35
N GLU B 284 14.11 14.08 38.42
CA GLU B 284 14.57 15.47 38.29
C GLU B 284 15.93 15.61 37.58
N ARG B 285 16.89 14.76 37.94
CA ARG B 285 18.22 14.82 37.28
C ARG B 285 18.11 14.53 35.78
N GLU B 286 17.29 13.55 35.41
CA GLU B 286 17.11 13.20 33.99
C GLU B 286 16.53 14.36 33.21
N MET B 287 15.55 15.04 33.77
CA MET B 287 14.97 16.15 33.05
C MET B 287 15.96 17.27 32.93
N ALA B 288 16.73 17.52 34.00
CA ALA B 288 17.69 18.63 33.99
C ALA B 288 18.77 18.32 32.96
N LEU B 289 19.13 17.05 32.86
CA LEU B 289 20.12 16.68 31.84
C LEU B 289 19.58 17.02 30.45
N LEU B 290 18.34 16.65 30.17
CA LEU B 290 17.73 16.94 28.87
C LEU B 290 17.80 18.41 28.53
N GLU B 291 17.36 19.19 29.50
CA GLU B 291 17.32 20.62 29.39
C GLU B 291 18.68 21.20 29.12
N THR B 292 19.70 20.67 29.77
CA THR B 292 21.04 21.20 29.59
C THR B 292 21.69 20.71 28.29
N TYR B 293 21.56 19.42 28.03
CA TYR B 293 22.31 18.80 26.93
C TYR B 293 21.55 18.42 25.68
N GLY B 294 20.22 18.44 25.75
CA GLY B 294 19.40 18.15 24.56
C GLY B 294 19.60 19.18 23.46
N GLN B 295 19.28 18.82 22.22
CA GLN B 295 19.31 19.77 21.11
C GLN B 295 18.78 21.15 21.48
N ARG B 296 19.46 22.21 21.03
CA ARG B 296 19.05 23.56 21.35
C ARG B 296 17.78 23.94 20.65
N ASN B 297 17.66 23.47 19.41
CA ASN B 297 16.55 23.81 18.53
C ASN B 297 15.91 22.62 17.81
N PRO B 298 14.65 22.27 18.19
CA PRO B 298 13.90 21.18 17.52
C PRO B 298 13.79 21.39 16.02
N GLU B 299 13.56 22.61 15.58
CA GLU B 299 13.41 22.85 14.16
C GLU B 299 14.62 22.49 13.28
N GLU B 300 15.77 22.20 13.86
CA GLU B 300 16.90 21.83 13.01
C GLU B 300 16.58 20.51 12.34
N VAL B 301 15.77 19.68 12.99
CA VAL B 301 15.41 18.41 12.40
C VAL B 301 14.66 18.65 11.10
N SER B 302 13.75 19.63 11.10
CA SER B 302 13.03 19.94 9.88
C SER B 302 13.96 20.30 8.73
N ARG B 303 14.98 21.10 9.02
CA ARG B 303 15.94 21.52 8.00
C ARG B 303 16.80 20.34 7.51
N ILE B 304 17.27 19.54 8.44
CA ILE B 304 18.18 18.43 8.13
C ILE B 304 17.56 17.41 7.19
N TYR B 305 16.31 17.04 7.47
CA TYR B 305 15.62 16.03 6.68
C TYR B 305 14.70 16.57 5.59
N GLY B 306 14.57 17.88 5.52
CA GLY B 306 13.73 18.46 4.48
C GLY B 306 12.28 18.12 4.76
N LEU B 307 11.87 18.25 6.02
CA LEU B 307 10.50 17.91 6.39
C LEU B 307 9.47 18.83 5.74
N GLU B 308 8.38 18.25 5.27
CA GLU B 308 7.32 18.97 4.58
C GLU B 308 6.06 19.06 5.43
N LEU B 309 6.09 18.47 6.63
CA LEU B 309 4.96 18.47 7.56
C LEU B 309 5.45 19.00 8.90
N PRO B 310 4.55 19.63 9.68
CA PRO B 310 4.92 20.08 11.02
C PRO B 310 5.44 18.95 11.92
N LEU B 311 6.28 19.29 12.88
CA LEU B 311 6.73 18.33 13.88
C LEU B 311 5.55 17.95 14.76
N LEU B 312 5.55 16.75 15.32
CA LEU B 312 4.44 16.35 16.21
C LEU B 312 4.48 17.06 17.56
N GLN B 313 5.69 17.43 18.00
CA GLN B 313 5.90 18.19 19.23
C GLN B 313 6.84 19.32 18.87
N GLU B 314 6.41 20.56 19.10
CA GLU B 314 7.20 21.73 18.68
C GLU B 314 8.02 22.51 19.73
N GLU B 315 7.48 22.74 20.92
CA GLU B 315 8.27 23.42 21.94
C GLU B 315 9.49 22.51 22.29
N ARG B 316 10.64 23.12 22.56
CA ARG B 316 11.87 22.36 22.86
C ARG B 316 11.75 21.23 23.90
N MET B 317 11.31 21.55 25.12
CA MET B 317 11.22 20.52 26.15
C MET B 317 10.17 19.45 25.85
N ALA B 318 9.09 19.85 25.20
CA ALA B 318 8.07 18.89 24.78
C ALA B 318 8.69 17.92 23.74
N PHE B 319 9.37 18.49 22.75
CA PHE B 319 10.08 17.72 21.72
C PHE B 319 11.07 16.72 22.34
N LEU B 320 11.95 17.23 23.21
CA LEU B 320 12.98 16.43 23.83
C LEU B 320 12.42 15.32 24.69
N LYS B 321 11.43 15.66 25.51
CA LYS B 321 10.84 14.63 26.38
C LYS B 321 10.15 13.55 25.55
N ARG B 322 9.57 13.94 24.42
CA ARG B 322 8.86 12.97 23.59
C ARG B 322 9.87 12.05 22.93
N PHE B 323 10.92 12.67 22.42
CA PHE B 323 11.98 11.97 21.68
C PHE B 323 12.71 10.93 22.55
N PHE B 324 13.18 11.31 23.74
CA PHE B 324 13.90 10.39 24.64
C PHE B 324 13.08 9.60 25.67
N PHE B 325 11.98 10.18 26.15
CA PHE B 325 11.26 9.57 27.26
C PHE B 325 9.83 9.04 27.00
N ASP B 326 9.37 9.11 25.75
CA ASP B 326 8.04 8.59 25.39
C ASP B 326 8.11 7.47 24.33
N PRO B 327 7.09 6.60 24.34
CA PRO B 327 6.96 5.56 23.32
C PRO B 327 6.42 6.20 22.03
N ALA B 328 6.45 5.48 20.91
CA ALA B 328 5.91 6.00 19.64
C ALA B 328 5.43 4.83 18.80
N LEU B 329 4.26 4.96 18.17
CA LEU B 329 3.70 3.93 17.27
C LEU B 329 4.03 4.28 15.82
N ASN B 330 4.82 3.46 15.14
CA ASN B 330 5.30 3.83 13.82
C ASN B 330 4.90 2.83 12.76
N ILE B 331 4.63 3.31 11.54
CA ILE B 331 4.32 2.45 10.43
C ILE B 331 5.60 2.43 9.58
N GLU B 332 6.23 1.26 9.46
CA GLU B 332 7.44 1.04 8.62
C GLU B 332 7.01 0.72 7.20
N GLY B 333 5.83 0.16 7.05
CA GLY B 333 5.28 -0.11 5.74
C GLY B 333 3.80 -0.44 5.78
N ILE B 334 3.10 -0.13 4.69
CA ILE B 334 1.68 -0.51 4.53
C ILE B 334 1.41 -0.78 3.07
N GLN B 335 0.64 -1.80 2.76
CA GLN B 335 0.35 -2.08 1.37
C GLN B 335 -0.96 -2.80 1.18
N SER B 336 -1.60 -2.52 0.06
CA SER B 336 -2.82 -3.22 -0.26
C SER B 336 -3.17 -2.98 -1.70
N GLY B 337 -3.76 -3.98 -2.34
CA GLY B 337 -4.29 -3.78 -3.66
C GLY B 337 -3.29 -3.43 -4.74
N TYR B 338 -3.72 -2.59 -5.67
CA TYR B 338 -2.99 -2.33 -6.90
C TYR B 338 -2.01 -1.18 -6.93
N GLN B 339 -0.73 -1.48 -7.16
CA GLN B 339 0.26 -0.46 -7.46
C GLN B 339 0.69 -0.77 -8.86
N GLY B 340 0.95 0.25 -9.66
CA GLY B 340 1.30 -0.07 -11.02
C GLY B 340 0.75 0.99 -11.90
N GLN B 341 0.89 0.78 -13.19
CA GLN B 341 0.46 1.75 -14.16
C GLN B 341 -1.06 1.63 -14.33
N GLY B 342 -1.74 2.76 -14.40
CA GLY B 342 -3.18 2.75 -14.66
C GLY B 342 -4.03 2.47 -13.45
N VAL B 343 -5.28 2.07 -13.70
CA VAL B 343 -6.24 1.82 -12.61
C VAL B 343 -6.64 0.37 -12.53
N LYS B 344 -7.24 -0.01 -11.40
CA LYS B 344 -7.77 -1.37 -11.20
C LYS B 344 -8.99 -1.21 -10.33
N THR B 345 -10.16 -1.49 -10.88
CA THR B 345 -11.42 -1.21 -10.22
C THR B 345 -11.78 -2.31 -9.21
N ILE B 346 -10.97 -2.46 -8.16
CA ILE B 346 -11.17 -3.47 -7.15
C ILE B 346 -11.30 -2.88 -5.74
N LEU B 347 -11.99 -3.61 -4.86
CA LEU B 347 -11.90 -3.48 -3.43
C LEU B 347 -10.92 -4.59 -3.05
N PRO B 348 -9.73 -4.24 -2.57
CA PRO B 348 -8.83 -5.33 -2.22
C PRO B 348 -9.30 -6.11 -0.98
N ALA B 349 -9.15 -7.43 -1.05
CA ALA B 349 -9.52 -8.34 0.03
C ALA B 349 -8.46 -8.44 1.11
N GLU B 350 -7.27 -7.92 0.86
CA GLU B 350 -6.19 -8.01 1.83
C GLU B 350 -5.40 -6.73 1.96
N ALA B 351 -5.01 -6.42 3.20
CA ALA B 351 -4.12 -5.31 3.45
C ALA B 351 -3.20 -5.70 4.58
N SER B 352 -1.95 -5.25 4.54
CA SER B 352 -1.06 -5.50 5.65
C SER B 352 -0.20 -4.27 5.96
N ALA B 353 0.42 -4.27 7.14
CA ALA B 353 1.29 -3.21 7.58
C ALA B 353 2.42 -3.80 8.41
N LYS B 354 3.55 -3.14 8.39
CA LYS B 354 4.66 -3.45 9.28
C LYS B 354 4.73 -2.31 10.30
N LEU B 355 4.53 -2.66 11.57
CA LEU B 355 4.42 -1.69 12.63
C LEU B 355 5.52 -1.91 13.64
N GLU B 356 5.71 -0.92 14.52
CA GLU B 356 6.62 -1.03 15.64
C GLU B 356 6.14 -0.05 16.68
N VAL B 357 6.41 -0.36 17.93
CA VAL B 357 6.28 0.62 18.98
C VAL B 357 7.66 0.79 19.60
N ARG B 358 8.18 2.01 19.53
CA ARG B 358 9.40 2.35 20.25
C ARG B 358 9.12 2.41 21.75
N LEU B 359 9.97 1.77 22.55
CA LEU B 359 9.66 1.62 23.99
C LEU B 359 10.55 2.42 24.95
N VAL B 360 10.07 2.60 26.17
CA VAL B 360 10.81 3.26 27.22
C VAL B 360 10.71 2.37 28.47
N PRO B 361 11.60 2.57 29.47
CA PRO B 361 11.55 1.71 30.65
C PRO B 361 10.15 1.59 31.26
N GLY B 362 9.79 0.36 31.61
CA GLY B 362 8.46 0.03 32.10
C GLY B 362 7.64 -0.70 31.05
N LEU B 363 7.98 -0.57 29.78
CA LEU B 363 7.22 -1.23 28.72
C LEU B 363 7.93 -2.50 28.25
N GLU B 364 7.24 -3.63 28.30
CA GLU B 364 7.82 -4.90 27.83
C GLU B 364 7.18 -5.25 26.47
N PRO B 365 7.98 -5.69 25.46
CA PRO B 365 7.45 -6.00 24.12
C PRO B 365 6.14 -6.81 24.06
N HIS B 366 6.09 -7.94 24.78
CA HIS B 366 4.95 -8.84 24.70
C HIS B 366 3.72 -8.23 25.30
N ASP B 367 3.88 -7.61 26.44
CA ASP B 367 2.79 -6.93 27.13
C ASP B 367 2.19 -5.74 26.34
N VAL B 368 3.07 -4.93 25.75
CA VAL B 368 2.64 -3.84 24.88
C VAL B 368 1.78 -4.38 23.72
N LEU B 369 2.25 -5.44 23.05
CA LEU B 369 1.48 -5.97 21.94
C LEU B 369 0.13 -6.55 22.39
N GLU B 370 0.03 -7.04 23.62
CA GLU B 370 -1.21 -7.60 24.09
C GLU B 370 -2.18 -6.51 24.45
N LYS B 371 -1.66 -5.35 24.86
CA LYS B 371 -2.49 -4.21 25.21
C LYS B 371 -3.09 -3.56 23.96
N ILE B 372 -2.33 -3.62 22.88
CA ILE B 372 -2.76 -3.20 21.56
C ILE B 372 -3.82 -4.16 21.02
N ARG B 373 -3.66 -5.48 21.26
CA ARG B 373 -4.70 -6.46 20.92
C ARG B 373 -6.03 -6.13 21.64
N LYS B 374 -5.95 -5.81 22.92
CA LYS B 374 -7.16 -5.52 23.67
C LYS B 374 -7.84 -4.24 23.18
N GLN B 375 -7.07 -3.18 22.96
CA GLN B 375 -7.63 -1.92 22.46
C GLN B 375 -8.29 -2.08 21.11
N LEU B 376 -7.63 -2.78 20.21
CA LEU B 376 -8.21 -2.96 18.89
C LEU B 376 -9.52 -3.71 18.95
N ASP B 377 -9.62 -4.73 19.81
CA ASP B 377 -10.86 -5.50 20.00
C ASP B 377 -11.92 -4.60 20.59
N LYS B 378 -11.58 -3.89 21.66
CA LYS B 378 -12.48 -2.93 22.25
C LYS B 378 -12.99 -1.88 21.23
N ASN B 379 -12.12 -1.45 20.30
CA ASN B 379 -12.45 -0.42 19.32
C ASN B 379 -13.25 -0.95 18.15
N GLY B 380 -13.45 -2.26 18.08
CA GLY B 380 -14.22 -2.88 17.00
C GLY B 380 -13.37 -3.38 15.83
N PHE B 381 -12.10 -3.61 16.08
CA PHE B 381 -11.22 -4.04 15.00
C PHE B 381 -10.62 -5.41 15.28
N ASP B 382 -11.47 -6.34 15.70
CA ASP B 382 -11.05 -7.70 16.06
C ASP B 382 -10.46 -8.49 14.90
N LYS B 383 -10.76 -8.03 13.69
CA LYS B 383 -10.29 -8.71 12.48
C LYS B 383 -8.87 -8.32 12.01
N VAL B 384 -8.25 -7.38 12.70
CA VAL B 384 -6.85 -7.05 12.42
C VAL B 384 -6.04 -8.15 13.10
N GLU B 385 -5.24 -8.89 12.34
CA GLU B 385 -4.42 -9.94 12.92
C GLU B 385 -3.07 -9.35 13.29
N LEU B 386 -2.49 -9.77 14.40
CA LEU B 386 -1.19 -9.23 14.86
C LEU B 386 -0.17 -10.33 15.10
N TYR B 387 1.02 -10.18 14.54
CA TYR B 387 2.09 -11.17 14.66
C TYR B 387 3.37 -10.53 15.23
N TYR B 388 3.72 -10.88 16.46
CA TYR B 388 4.98 -10.43 17.06
C TYR B 388 6.16 -10.84 16.18
N THR B 389 7.13 -9.94 15.97
CA THR B 389 8.29 -10.26 15.14
C THR B 389 9.66 -10.01 15.80
N LEU B 390 9.74 -9.02 16.69
CA LEU B 390 11.00 -8.70 17.34
C LEU B 390 10.69 -7.86 18.57
N GLY B 391 11.55 -7.95 19.57
CA GLY B 391 11.37 -7.15 20.78
C GLY B 391 12.70 -6.96 21.49
N GLU B 392 12.89 -5.77 22.07
CA GLU B 392 14.08 -5.46 22.86
C GLU B 392 13.60 -4.53 23.96
N MET B 393 14.02 -4.79 25.20
CA MET B 393 13.58 -3.97 26.31
C MET B 393 14.42 -2.71 26.38
N SER B 394 13.91 -1.67 27.03
CA SER B 394 14.67 -0.44 27.20
C SER B 394 15.35 -0.35 28.56
N TYR B 395 16.28 0.59 28.67
CA TYR B 395 17.12 0.79 29.85
C TYR B 395 17.65 2.21 29.83
N ARG B 396 17.79 2.82 31.02
CA ARG B 396 18.44 4.13 31.17
C ARG B 396 18.76 4.39 32.64
N SER B 397 19.68 5.32 32.90
CA SER B 397 19.96 5.69 34.27
C SER B 397 20.10 7.17 34.27
N ASP B 398 20.03 7.78 35.44
CA ASP B 398 20.16 9.23 35.52
C ASP B 398 21.61 9.71 35.54
N MET B 399 22.57 8.80 35.31
CA MET B 399 23.98 9.16 35.12
C MET B 399 24.56 9.72 36.43
N SER B 400 24.16 9.15 37.55
CA SER B 400 24.64 9.68 38.83
C SER B 400 25.62 8.71 39.49
N ALA B 401 25.72 7.49 38.98
CA ALA B 401 26.67 6.57 39.56
C ALA B 401 28.07 7.22 39.57
N PRO B 402 28.78 7.19 40.71
CA PRO B 402 30.13 7.75 40.76
C PRO B 402 31.07 7.23 39.65
N ALA B 403 30.96 5.99 39.27
CA ALA B 403 31.89 5.41 38.23
C ALA B 403 31.66 6.10 36.87
N ILE B 404 30.41 6.51 36.63
CA ILE B 404 29.99 7.22 35.45
C ILE B 404 30.42 8.68 35.54
N LEU B 405 30.23 9.32 36.71
CA LEU B 405 30.67 10.70 36.88
C LEU B 405 32.17 10.85 36.59
N ASN B 406 32.96 9.85 36.99
CA ASN B 406 34.39 9.88 36.77
C ASN B 406 34.59 10.01 35.27
N VAL B 407 33.93 9.16 34.45
CA VAL B 407 34.09 9.25 32.94
C VAL B 407 33.70 10.63 32.42
N ILE B 408 32.65 11.22 32.97
CA ILE B 408 32.24 12.52 32.48
C ILE B 408 33.34 13.52 32.75
N GLU B 409 34.03 13.38 33.87
CA GLU B 409 35.04 14.38 34.21
C GLU B 409 36.32 14.18 33.40
N LEU B 410 36.67 12.92 33.17
CA LEU B 410 37.88 12.67 32.39
C LEU B 410 37.66 13.22 31.00
N ALA B 411 36.49 12.96 30.43
CA ALA B 411 36.19 13.37 29.06
C ALA B 411 36.31 14.87 28.83
N LYS B 412 35.98 15.68 29.85
CA LYS B 412 36.14 17.12 29.72
C LYS B 412 37.59 17.59 29.46
N LYS B 413 38.58 16.75 29.77
CA LYS B 413 40.00 17.05 29.50
C LYS B 413 40.44 16.77 28.07
N PHE B 414 39.61 16.06 27.31
CA PHE B 414 39.98 15.68 25.96
C PHE B 414 39.16 16.30 24.84
N TYR B 415 38.04 16.95 25.16
CA TYR B 415 37.16 17.45 24.10
C TYR B 415 36.89 18.93 24.36
N PRO B 416 37.47 19.81 23.52
CA PRO B 416 37.34 21.28 23.73
C PRO B 416 35.91 21.79 23.68
N GLN B 417 35.05 21.11 22.92
CA GLN B 417 33.65 21.53 22.88
C GLN B 417 32.84 21.06 24.08
N GLY B 418 33.48 20.28 24.95
CA GLY B 418 32.80 19.72 26.09
C GLY B 418 32.09 18.41 25.81
N VAL B 419 31.20 18.04 26.71
CA VAL B 419 30.49 16.79 26.61
C VAL B 419 28.99 17.02 26.55
N SER B 420 28.27 15.98 26.18
CA SER B 420 26.84 16.03 26.12
C SER B 420 26.33 14.83 26.91
N VAL B 421 25.76 15.04 28.11
CA VAL B 421 25.37 13.93 28.99
C VAL B 421 23.87 13.64 28.92
N LEU B 422 23.54 12.44 28.43
CA LEU B 422 22.17 12.04 28.26
C LEU B 422 21.88 10.69 28.92
N PRO B 423 20.74 10.61 29.62
CA PRO B 423 20.28 9.37 30.25
C PRO B 423 20.13 8.22 29.23
N THR B 424 19.78 8.56 28.00
CA THR B 424 19.50 7.55 27.00
C THR B 424 19.69 8.13 25.62
N THR B 425 20.08 7.26 24.67
CA THR B 425 20.01 7.66 23.27
C THR B 425 18.66 7.15 22.76
N ALA B 426 18.27 7.56 21.57
CA ALA B 426 16.99 7.13 21.02
C ALA B 426 17.15 5.78 20.29
N GLY B 427 18.40 5.37 20.09
CA GLY B 427 18.70 4.07 19.49
C GLY B 427 18.31 2.89 20.36
N THR B 428 18.29 1.70 19.74
CA THR B 428 17.92 0.48 20.41
C THR B 428 19.21 -0.31 20.64
N GLY B 429 19.17 -1.21 21.61
CA GLY B 429 20.34 -2.02 21.91
C GLY B 429 20.12 -2.88 23.14
N PRO B 430 21.09 -3.75 23.42
CA PRO B 430 21.00 -4.70 24.51
C PRO B 430 21.37 -4.23 25.94
N MET B 431 21.30 -2.93 26.21
CA MET B 431 21.64 -2.51 27.55
C MET B 431 20.84 -3.24 28.60
N HIS B 432 19.53 -3.39 28.40
CA HIS B 432 18.69 -4.05 29.40
C HIS B 432 19.12 -5.49 29.68
N THR B 433 19.48 -6.22 28.63
CA THR B 433 19.94 -7.61 28.73
C THR B 433 21.26 -7.73 29.49
N VAL B 434 22.18 -6.83 29.17
CA VAL B 434 23.46 -6.80 29.86
C VAL B 434 23.27 -6.43 31.34
N PHE B 435 22.50 -5.39 31.62
CA PHE B 435 22.34 -5.04 33.03
C PHE B 435 21.63 -6.15 33.80
N ASP B 436 20.65 -6.76 33.20
CA ASP B 436 19.85 -7.76 33.88
C ASP B 436 20.79 -8.90 34.36
N ALA B 437 21.77 -9.25 33.51
CA ALA B 437 22.72 -10.31 33.88
C ALA B 437 23.81 -9.80 34.80
N LEU B 438 24.34 -8.61 34.53
CA LEU B 438 25.55 -8.18 35.23
C LEU B 438 25.38 -7.19 36.38
N GLU B 439 24.38 -6.32 36.26
CA GLU B 439 24.11 -5.28 37.26
C GLU B 439 25.24 -4.26 37.53
N VAL B 440 26.03 -4.02 36.50
CA VAL B 440 27.16 -3.12 36.56
C VAL B 440 26.72 -1.79 35.92
N PRO B 441 27.03 -0.62 36.55
CA PRO B 441 26.76 0.70 35.93
C PRO B 441 27.30 0.75 34.50
N MET B 442 26.52 1.25 33.55
CA MET B 442 26.90 1.25 32.13
C MET B 442 26.99 2.66 31.55
N VAL B 443 28.00 2.88 30.70
CA VAL B 443 28.15 4.20 30.10
C VAL B 443 28.64 4.01 28.66
N ALA B 444 28.08 4.81 27.74
CA ALA B 444 28.47 4.72 26.29
C ALA B 444 29.22 5.96 25.88
N PHE B 445 30.43 5.79 25.34
CA PHE B 445 31.16 6.89 24.70
C PHE B 445 32.06 6.24 23.67
N GLY B 446 32.51 6.98 22.66
CA GLY B 446 33.26 6.30 21.59
C GLY B 446 33.91 7.25 20.59
N LEU B 447 34.25 6.71 19.42
CA LEU B 447 35.08 7.45 18.44
C LEU B 447 34.36 7.88 17.13
N GLY B 448 33.02 7.80 17.09
CA GLY B 448 32.23 8.25 15.93
C GLY B 448 32.02 9.76 15.87
N ASN B 449 31.57 10.25 14.72
CA ASN B 449 31.26 11.64 14.52
C ASN B 449 29.80 11.72 14.04
N ALA B 450 29.18 12.90 14.03
CA ALA B 450 27.78 12.97 13.71
C ALA B 450 27.54 12.49 12.27
N ASN B 451 28.60 12.45 11.46
CA ASN B 451 28.47 12.03 10.06
C ASN B 451 29.22 10.74 9.72
N SER B 452 29.36 9.87 10.74
CA SER B 452 30.07 8.59 10.56
C SER B 452 29.28 7.66 9.65
N ARG B 453 27.98 7.92 9.52
CA ARG B 453 27.13 7.13 8.63
C ARG B 453 27.15 5.61 8.94
N ASP B 454 26.95 5.27 10.21
CA ASP B 454 26.76 3.87 10.60
C ASP B 454 25.60 3.31 9.79
N HIS B 455 25.71 2.04 9.38
CA HIS B 455 24.64 1.37 8.63
C HIS B 455 24.47 1.97 7.22
N GLY B 456 25.34 2.90 6.85
CA GLY B 456 25.22 3.58 5.57
C GLY B 456 26.47 3.43 4.72
N GLY B 457 26.46 4.06 3.53
CA GLY B 457 27.61 4.01 2.64
C GLY B 457 28.72 4.89 3.12
N ASP B 458 29.96 4.48 2.87
CA ASP B 458 31.12 5.25 3.30
C ASP B 458 31.11 5.56 4.82
N GLU B 459 30.78 4.55 5.62
CA GLU B 459 30.94 4.61 7.07
C GLU B 459 32.39 5.02 7.37
N ASN B 460 32.54 5.91 8.34
CA ASN B 460 33.81 6.50 8.59
C ASN B 460 34.04 6.95 10.04
N VAL B 461 35.31 7.05 10.38
CA VAL B 461 35.76 7.61 11.65
C VAL B 461 36.87 8.63 11.33
N ARG B 462 36.86 9.78 12.02
CA ARG B 462 37.95 10.72 11.91
C ARG B 462 39.18 10.15 12.63
N ILE B 463 40.35 10.09 11.96
CA ILE B 463 41.57 9.60 12.59
C ILE B 463 41.88 10.24 13.93
N ALA B 464 41.77 11.56 13.98
CA ALA B 464 41.98 12.25 15.24
C ALA B 464 41.02 11.76 16.34
N ASP B 465 39.75 11.50 15.98
CA ASP B 465 38.71 11.04 16.96
C ASP B 465 39.01 9.65 17.52
N TYR B 466 39.47 8.78 16.61
CA TYR B 466 39.96 7.45 16.98
C TYR B 466 41.10 7.53 17.95
N TYR B 467 42.12 8.36 17.69
CA TYR B 467 43.22 8.48 18.64
C TYR B 467 42.77 9.16 19.94
N THR B 468 41.86 10.09 19.82
CA THR B 468 41.41 10.72 21.07
C THR B 468 40.72 9.70 21.98
N HIS B 469 39.92 8.81 21.41
CA HIS B 469 39.29 7.74 22.18
C HIS B 469 40.30 6.88 22.90
N ILE B 470 41.37 6.51 22.20
CA ILE B 470 42.45 5.78 22.83
C ILE B 470 42.98 6.52 24.02
N GLU B 471 43.22 7.83 23.89
CA GLU B 471 43.82 8.53 24.98
C GLU B 471 42.84 8.62 26.13
N LEU B 472 41.57 8.87 25.81
CA LEU B 472 40.53 8.93 26.89
C LEU B 472 40.39 7.56 27.62
N VAL B 473 40.45 6.43 26.88
CA VAL B 473 40.32 5.14 27.53
C VAL B 473 41.57 4.87 28.38
N GLU B 474 42.74 5.23 27.86
CA GLU B 474 43.97 5.10 28.66
C GLU B 474 43.88 5.89 29.97
N GLU B 475 43.32 7.08 29.91
CA GLU B 475 43.19 7.94 31.12
C GLU B 475 42.19 7.35 32.09
N LEU B 476 41.17 6.66 31.56
CA LEU B 476 40.19 5.96 32.37
C LEU B 476 40.87 4.88 33.21
N ILE B 477 41.69 4.07 32.54
CA ILE B 477 42.48 3.10 33.25
C ILE B 477 43.34 3.75 34.33
N ARG B 478 44.04 4.84 33.98
CA ARG B 478 44.94 5.51 34.89
C ARG B 478 44.18 6.02 36.10
N SER B 479 42.93 6.39 35.88
CA SER B 479 42.12 6.93 36.99
C SER B 479 41.87 5.91 38.10
N TYR B 480 42.09 4.62 37.83
CA TYR B 480 41.99 3.55 38.84
C TYR B 480 43.22 3.33 39.71
N GLU B 481 44.31 4.07 39.46
CA GLU B 481 45.54 3.91 40.22
C GLU B 481 45.33 4.28 41.67
C2 BGC C . -45.62 5.38 -27.28
C3 BGC C . -46.21 4.14 -26.65
C4 BGC C . -46.62 3.23 -27.78
C5 BGC C . -45.39 2.88 -28.60
C6 BGC C . -45.73 1.99 -29.77
C1 BGC C . -44.43 4.99 -28.14
O1 BGC C . -43.99 6.13 -28.80
O2 BGC C . -45.20 6.26 -26.26
O3 BGC C . -47.31 4.46 -25.83
O4 BGC C . -47.17 2.07 -27.23
O5 BGC C . -44.82 4.06 -29.12
O6 BGC C . -46.89 2.45 -30.41
C2 BGC D . -34.93 10.46 -12.55
C3 BGC D . -35.51 11.26 -13.71
C4 BGC D . -36.59 12.21 -13.22
C5 BGC D . -36.07 13.07 -12.06
C6 BGC D . -37.13 14.02 -11.47
C1 BGC D . -34.48 11.43 -11.45
O1 BGC D . -33.96 10.79 -10.30
O2 BGC D . -33.87 9.64 -13.03
O3 BGC D . -36.02 10.41 -14.74
O4 BGC D . -37.00 13.03 -14.29
O5 BGC D . -35.57 12.24 -11.03
O6 BGC D . -38.27 13.33 -10.98
MN MN E . -21.17 -4.27 -24.73
C2 BGC F . 34.95 5.80 41.71
C3 BGC F . 35.42 7.15 41.16
C4 BGC F . 36.90 7.01 40.85
C5 BGC F . 37.11 5.87 39.86
C6 BGC F . 38.58 5.65 39.59
C1 BGC F . 35.23 4.72 40.66
O1 BGC F . 34.90 3.49 41.22
O2 BGC F . 33.59 5.80 42.00
O3 BGC F . 35.20 8.17 42.11
O4 BGC F . 37.39 8.19 40.28
O5 BGC F . 36.60 4.66 40.40
O6 BGC F . 39.22 5.32 40.81
C2 BGC G . 16.17 6.52 36.33
C3 BGC G . 16.93 5.84 37.46
C4 BGC G . 16.39 6.26 38.83
C5 BGC G . 14.85 6.25 38.90
C6 BGC G . 14.22 6.76 40.21
C1 BGC G . 14.65 6.51 36.57
O1 BGC G . 13.99 7.31 35.60
O2 BGC G . 16.46 5.90 35.10
O3 BGC G . 18.33 6.06 37.37
O4 BGC G . 16.97 5.38 39.76
O5 BGC G . 14.32 7.03 37.84
O6 BGC G . 14.49 8.11 40.52
MN MN H . 26.97 -0.98 17.43
#